data_8VDT
#
_entry.id   8VDT
#
_cell.length_a   64.170
_cell.length_b   115.342
_cell.length_c   125.002
_cell.angle_alpha   90.00
_cell.angle_beta   90.00
_cell.angle_gamma   90.00
#
_symmetry.space_group_name_H-M   'P 21 21 21'
#
loop_
_entity.id
_entity.type
_entity.pdbx_description
1 polymer 'DNA ligase 1'
2 polymer "DNA/RNA (5'-D(*GP*CP*TP*GP*AP*TP*GP*CP*GP*T)-R(P*A)-D(P*GP*TP*CP*GP*GP*AP*C)-3')"
3 polymer "DNA (5'-D(*GP*TP*CP*CP*GP*AP*CP*TP*AP*CP*GP*CP*AP*TP*CP*AP*GP*C)-3')"
4 non-polymer 'PHOSPHATE ION'
5 water water
#
loop_
_entity_poly.entity_id
_entity_poly.type
_entity_poly.pdbx_seq_one_letter_code
_entity_poly.pdbx_strand_id
1 'polypeptide(L)'
;LDPSGYNPAKNNYHPVEDACWKPGQKVPYLAVARTFEKIEEVSARLRMVETLSNLLRSVVALSPPDLLPVLYLSLNHLGP
PQQGLALGVGDGVLLKAVAQATGRQLESVRAEAAEKGDVGLVAENSRSTQRLMLPPPPLTASGVFSKFRDIARLTGSAST
AKKIDIIKGLFVACRHSEARFIARSLSGRLRLGLAEQSVLAALSQAVSLTPPGQEFPPAMVDAGKGKTAEARKTWLEEQG
MILKQTFCEVPDLDRIIPVLLEHGLERLPEHCKLSPGIPLKPMLAHPTRGISEVLKRFEEAAFTCEYKYDGQRAQIHALE
GGEVKIFSRNQADNTGKYPDIISRIPKIKLPSVTSFILDTEAVAWDREKKQIQPFQVLTTRKRKEVDASEIQVQVCLYAF
DLIYLNGESLVREPLSRRRQLLRENFVETEGEFVFATSLDTKDIEQIAEFLEQSVKDSCEGLMVKTLDVDATYEIAKRSH
NWLKLKKDYLDGVGDTLDLVVIGAYLGRGKRAGRYGGFLLASYDEDSEELQAICKLGTGFSDEELEEHHQSLKALVLPSP
RPYVRIDGAVIPDHWLDPSAVWEVKCADLSLSPIYPAARGLVDSDKGISLRFPRFIRVREDKQPEQATTSAQVACLYRKQ
SQIQNQQGEDSGSDPEDT
;
A
2 'polydeoxyribonucleotide/polyribonucleotide hybrid' (DG)(DC)(DT)(DG)(DA)(DT)(DG)(DC)(DG)(DT)(DA)(DG)(DT)(DC)(DG)(DG)(DA)(DC) B
3 'polydeoxyribonucleotide' (DG)(DT)(DC)(DC)(DG)(DA)(DC)(DT)(DA)(DC)(DG)(DC)(DA)(DT)(DC)(DA)(DG)(DC) C
#
# COMPACT_ATOMS: atom_id res chain seq x y z
N LEU A 1 -16.12 -30.55 16.42
CA LEU A 1 -17.11 -31.39 15.77
C LEU A 1 -17.99 -30.59 14.83
N ASP A 2 -18.46 -29.42 15.29
CA ASP A 2 -19.34 -28.54 14.52
C ASP A 2 -18.68 -27.18 14.38
N PRO A 3 -17.91 -26.96 13.31
CA PRO A 3 -17.30 -25.63 13.09
C PRO A 3 -18.29 -24.47 13.06
N SER A 4 -19.60 -24.74 12.98
CA SER A 4 -20.58 -23.65 12.94
CA SER A 4 -20.58 -23.65 12.94
C SER A 4 -20.62 -22.85 14.23
N GLY A 5 -20.20 -23.44 15.35
CA GLY A 5 -20.17 -22.72 16.61
C GLY A 5 -18.74 -22.53 17.11
N TYR A 6 -17.79 -22.57 16.18
CA TYR A 6 -16.38 -22.42 16.53
C TYR A 6 -16.12 -21.05 17.14
N ASN A 7 -15.38 -21.04 18.25
CA ASN A 7 -15.14 -19.83 19.03
C ASN A 7 -13.65 -19.69 19.33
N PRO A 8 -12.92 -18.92 18.52
CA PRO A 8 -11.49 -18.70 18.79
C PRO A 8 -11.22 -17.59 19.80
N ALA A 9 -12.28 -16.95 20.33
CA ALA A 9 -12.14 -15.91 21.32
C ALA A 9 -12.55 -16.38 22.72
N LYS A 10 -12.44 -17.68 22.96
CA LYS A 10 -12.85 -18.25 24.25
C LYS A 10 -11.78 -18.01 25.30
N ASN A 11 -12.23 -17.78 26.54
CA ASN A 11 -11.29 -17.67 27.66
C ASN A 11 -10.66 -19.02 27.94
N ASN A 12 -9.35 -19.02 28.20
CA ASN A 12 -8.57 -20.23 28.39
C ASN A 12 -8.73 -21.17 27.20
N TYR A 13 -8.53 -20.61 26.01
CA TYR A 13 -8.70 -21.37 24.77
C TYR A 13 -7.68 -22.49 24.67
N HIS A 14 -8.15 -23.72 24.50
CA HIS A 14 -7.25 -24.84 24.30
C HIS A 14 -7.09 -25.10 22.81
N PRO A 15 -5.85 -25.21 22.32
CA PRO A 15 -5.66 -25.40 20.87
C PRO A 15 -6.32 -26.67 20.33
N VAL A 16 -6.28 -27.76 21.09
CA VAL A 16 -6.81 -29.03 20.60
C VAL A 16 -8.27 -29.21 20.96
N GLU A 17 -8.64 -29.02 22.23
CA GLU A 17 -10.00 -29.31 22.66
C GLU A 17 -11.00 -28.33 22.07
N ASP A 18 -10.63 -27.05 22.00
CA ASP A 18 -11.54 -26.02 21.50
C ASP A 18 -11.52 -25.89 19.98
N ALA A 19 -10.75 -26.72 19.28
CA ALA A 19 -10.75 -26.70 17.83
C ALA A 19 -12.07 -27.28 17.31
N CYS A 20 -12.20 -27.30 15.97
CA CYS A 20 -13.42 -27.79 15.34
C CYS A 20 -13.12 -28.76 14.21
N TRP A 21 -11.93 -29.34 14.16
CA TRP A 21 -11.58 -30.30 13.13
C TRP A 21 -10.59 -31.32 13.70
N LYS A 22 -10.49 -32.45 13.00
CA LYS A 22 -9.63 -33.53 13.44
C LYS A 22 -8.19 -33.29 13.01
N PRO A 23 -7.21 -33.72 13.82
CA PRO A 23 -5.81 -33.55 13.44
C PRO A 23 -5.48 -34.35 12.18
N GLY A 24 -4.53 -33.83 11.41
CA GLY A 24 -4.21 -34.38 10.11
C GLY A 24 -5.20 -34.08 9.02
N GLN A 25 -6.46 -33.78 9.37
CA GLN A 25 -7.46 -33.40 8.41
C GLN A 25 -7.30 -31.93 8.02
N LYS A 26 -7.89 -31.57 6.89
CA LYS A 26 -7.77 -30.21 6.39
C LYS A 26 -8.53 -29.23 7.29
N VAL A 27 -8.05 -27.99 7.32
CA VAL A 27 -8.69 -26.93 8.10
C VAL A 27 -9.91 -26.43 7.35
N PRO A 28 -11.09 -26.46 7.95
CA PRO A 28 -12.29 -25.97 7.27
C PRO A 28 -12.30 -24.45 7.17
N TYR A 29 -12.85 -23.95 6.06
CA TYR A 29 -12.93 -22.51 5.87
C TYR A 29 -13.89 -21.86 6.87
N LEU A 30 -14.87 -22.60 7.37
CA LEU A 30 -15.76 -22.05 8.38
C LEU A 30 -15.00 -21.67 9.64
N ALA A 31 -13.97 -22.45 9.98
CA ALA A 31 -13.09 -22.07 11.09
C ALA A 31 -12.42 -20.74 10.82
N VAL A 32 -11.93 -20.53 9.59
CA VAL A 32 -11.35 -19.25 9.22
C VAL A 32 -12.43 -18.17 9.18
N ALA A 33 -13.62 -18.52 8.70
CA ALA A 33 -14.69 -17.52 8.57
C ALA A 33 -15.22 -17.09 9.93
N ARG A 34 -15.36 -18.03 10.87
CA ARG A 34 -15.88 -17.66 12.19
C ARG A 34 -14.87 -16.83 12.96
N THR A 35 -13.57 -16.98 12.69
CA THR A 35 -12.59 -16.14 13.35
C THR A 35 -12.64 -14.70 12.83
N PHE A 36 -12.74 -14.55 11.51
CA PHE A 36 -12.92 -13.22 10.92
C PHE A 36 -14.13 -12.53 11.54
N GLU A 37 -15.18 -13.28 11.84
CA GLU A 37 -16.32 -12.74 12.57
C GLU A 37 -15.88 -12.21 13.93
N LYS A 38 -15.15 -13.02 14.69
CA LYS A 38 -14.71 -12.61 16.01
C LYS A 38 -13.65 -11.52 15.96
N ILE A 39 -13.02 -11.31 14.81
CA ILE A 39 -12.06 -10.22 14.67
C ILE A 39 -12.74 -8.91 14.28
N GLU A 40 -13.67 -8.97 13.31
CA GLU A 40 -14.44 -7.79 12.97
C GLU A 40 -15.40 -7.38 14.09
N GLU A 41 -15.69 -8.30 15.01
CA GLU A 41 -16.59 -7.97 16.12
C GLU A 41 -15.96 -6.95 17.07
N VAL A 42 -14.67 -7.09 17.35
CA VAL A 42 -14.01 -6.25 18.34
C VAL A 42 -13.18 -5.18 17.65
N SER A 43 -12.58 -4.30 18.44
CA SER A 43 -11.74 -3.22 17.94
C SER A 43 -10.34 -3.20 18.53
N ALA A 44 -10.12 -3.83 19.69
CA ALA A 44 -8.79 -3.86 20.28
C ALA A 44 -7.88 -4.75 19.45
N ARG A 45 -6.74 -4.19 19.02
CA ARG A 45 -5.81 -4.96 18.20
C ARG A 45 -5.21 -6.12 18.98
N LEU A 46 -4.94 -5.94 20.26
CA LEU A 46 -4.47 -7.05 21.08
C LEU A 46 -5.53 -8.13 21.25
N ARG A 47 -6.81 -7.78 21.09
CA ARG A 47 -7.86 -8.79 21.11
C ARG A 47 -7.94 -9.53 19.79
N MET A 48 -7.83 -8.82 18.66
CA MET A 48 -7.81 -9.49 17.37
C MET A 48 -6.60 -10.39 17.22
N VAL A 49 -5.44 -9.93 17.69
CA VAL A 49 -4.23 -10.74 17.59
C VAL A 49 -4.38 -12.04 18.38
N GLU A 50 -4.95 -11.95 19.59
CA GLU A 50 -5.12 -13.14 20.41
C GLU A 50 -6.13 -14.10 19.78
N THR A 51 -7.18 -13.57 19.17
CA THR A 51 -8.19 -14.42 18.54
C THR A 51 -7.61 -15.12 17.32
N LEU A 52 -6.87 -14.40 16.46
CA LEU A 52 -6.24 -15.04 15.31
C LEU A 52 -5.12 -15.97 15.75
N SER A 53 -4.43 -15.64 16.84
CA SER A 53 -3.40 -16.55 17.37
C SER A 53 -4.00 -17.89 17.76
N ASN A 54 -5.27 -17.91 18.18
CA ASN A 54 -5.90 -19.17 18.58
C ASN A 54 -6.15 -20.06 17.38
N LEU A 55 -6.49 -19.47 16.22
CA LEU A 55 -6.49 -20.24 14.98
C LEU A 55 -5.14 -20.91 14.76
N LEU A 56 -4.09 -20.10 14.71
CA LEU A 56 -2.78 -20.59 14.28
C LEU A 56 -2.27 -21.66 15.23
N ARG A 57 -2.50 -21.50 16.53
CA ARG A 57 -2.12 -22.54 17.49
C ARG A 57 -2.79 -23.85 17.14
N SER A 58 -4.11 -23.82 16.91
CA SER A 58 -4.82 -25.03 16.50
C SER A 58 -4.34 -25.54 15.14
N VAL A 59 -3.93 -24.64 14.25
CA VAL A 59 -3.47 -25.06 12.93
C VAL A 59 -2.09 -25.70 13.02
N VAL A 60 -1.16 -25.07 13.74
CA VAL A 60 0.18 -25.64 13.90
C VAL A 60 0.12 -26.96 14.64
N ALA A 61 -0.89 -27.16 15.49
CA ALA A 61 -0.99 -28.40 16.25
C ALA A 61 -1.62 -29.51 15.41
N LEU A 62 -2.73 -29.21 14.72
CA LEU A 62 -3.50 -30.24 14.05
C LEU A 62 -3.13 -30.40 12.57
N SER A 63 -2.89 -29.31 11.85
CA SER A 63 -2.60 -29.37 10.42
C SER A 63 -1.47 -28.40 10.07
N PRO A 64 -0.23 -28.76 10.37
CA PRO A 64 0.91 -27.89 10.05
C PRO A 64 0.96 -27.49 8.57
N PRO A 65 0.69 -28.40 7.63
CA PRO A 65 0.76 -27.97 6.21
C PRO A 65 -0.19 -26.84 5.87
N ASP A 66 -1.35 -26.77 6.54
CA ASP A 66 -2.33 -25.75 6.25
C ASP A 66 -1.99 -24.38 6.81
N LEU A 67 -0.78 -24.21 7.37
CA LEU A 67 -0.44 -22.94 8.00
C LEU A 67 -0.31 -21.83 6.96
N LEU A 68 0.40 -22.09 5.86
CA LEU A 68 0.59 -21.08 4.83
C LEU A 68 -0.74 -20.57 4.27
N PRO A 69 -1.67 -21.42 3.79
CA PRO A 69 -2.92 -20.87 3.24
C PRO A 69 -3.76 -20.12 4.26
N VAL A 70 -3.68 -20.49 5.54
CA VAL A 70 -4.38 -19.73 6.56
C VAL A 70 -3.81 -18.33 6.68
N LEU A 71 -2.47 -18.21 6.63
CA LEU A 71 -1.84 -16.90 6.75
C LEU A 71 -2.17 -16.02 5.55
N TYR A 72 -2.04 -16.56 4.34
CA TYR A 72 -2.34 -15.79 3.14
C TYR A 72 -3.82 -15.40 3.10
N LEU A 73 -4.70 -16.32 3.48
CA LEU A 73 -6.12 -15.97 3.59
C LEU A 73 -6.34 -14.86 4.61
N SER A 74 -5.59 -14.88 5.72
CA SER A 74 -5.70 -13.81 6.69
C SER A 74 -5.17 -12.50 6.12
N LEU A 75 -4.04 -12.54 5.42
CA LEU A 75 -3.47 -11.35 4.81
C LEU A 75 -4.22 -10.91 3.56
N ASN A 76 -5.12 -11.74 3.04
CA ASN A 76 -5.77 -11.51 1.74
C ASN A 76 -4.72 -11.35 0.64
N HIS A 77 -3.78 -12.29 0.62
CA HIS A 77 -2.75 -12.34 -0.41
C HIS A 77 -2.83 -13.69 -1.13
N LEU A 78 -2.09 -13.79 -2.23
CA LEU A 78 -2.02 -15.02 -3.00
C LEU A 78 -0.64 -15.66 -2.98
N GLY A 79 0.37 -14.97 -2.46
CA GLY A 79 1.71 -15.50 -2.39
C GLY A 79 2.73 -14.42 -2.16
N PRO A 80 4.00 -14.71 -2.45
CA PRO A 80 5.04 -13.70 -2.28
C PRO A 80 4.83 -12.54 -3.23
N PRO A 81 5.21 -11.33 -2.84
CA PRO A 81 4.95 -10.17 -3.72
C PRO A 81 5.73 -10.20 -5.02
N GLN A 82 6.98 -10.71 -4.99
CA GLN A 82 7.77 -10.80 -6.21
C GLN A 82 7.23 -11.81 -7.19
N GLN A 83 6.25 -12.63 -6.80
CA GLN A 83 5.63 -13.56 -7.74
C GLN A 83 4.70 -12.84 -8.70
N GLY A 84 3.96 -11.85 -8.22
CA GLY A 84 3.14 -11.02 -9.07
C GLY A 84 1.75 -11.52 -9.36
N LEU A 85 1.22 -12.43 -8.55
CA LEU A 85 -0.14 -12.93 -8.77
C LEU A 85 -1.16 -11.84 -8.47
N ALA A 86 -2.10 -11.65 -9.37
CA ALA A 86 -3.20 -10.70 -9.18
C ALA A 86 -4.50 -11.37 -9.60
N LEU A 87 -5.56 -11.10 -8.84
CA LEU A 87 -6.83 -11.78 -9.09
C LEU A 87 -7.38 -11.46 -10.47
N GLY A 88 -7.19 -10.22 -10.93
CA GLY A 88 -7.83 -9.79 -12.16
C GLY A 88 -9.34 -9.86 -12.12
N VAL A 89 -9.90 -9.89 -10.91
CA VAL A 89 -11.35 -9.96 -10.71
C VAL A 89 -11.84 -8.55 -10.44
N GLY A 90 -12.52 -7.96 -11.42
CA GLY A 90 -13.13 -6.67 -11.21
C GLY A 90 -14.25 -6.74 -10.20
N ASP A 91 -14.66 -5.56 -9.74
CA ASP A 91 -15.89 -5.47 -8.97
C ASP A 91 -17.05 -6.04 -9.76
N GLY A 92 -17.38 -5.41 -10.90
CA GLY A 92 -18.49 -5.86 -11.71
C GLY A 92 -18.46 -7.33 -12.06
N VAL A 93 -17.26 -7.91 -12.19
CA VAL A 93 -17.14 -9.35 -12.36
C VAL A 93 -17.70 -10.08 -11.14
N LEU A 94 -17.39 -9.56 -9.94
CA LEU A 94 -17.83 -10.22 -8.71
C LEU A 94 -19.34 -10.13 -8.55
N LEU A 95 -19.92 -8.94 -8.72
CA LEU A 95 -21.38 -8.84 -8.67
C LEU A 95 -22.04 -9.54 -9.86
N LYS A 96 -21.31 -9.78 -10.95
CA LYS A 96 -21.83 -10.64 -12.00
C LYS A 96 -21.93 -12.08 -11.51
N ALA A 97 -20.93 -12.54 -10.77
CA ALA A 97 -21.00 -13.86 -10.17
C ALA A 97 -21.99 -13.90 -9.02
N VAL A 98 -22.16 -12.77 -8.32
CA VAL A 98 -23.15 -12.71 -7.23
C VAL A 98 -24.56 -12.88 -7.80
N ALA A 99 -24.88 -12.15 -8.87
CA ALA A 99 -26.16 -12.33 -9.53
C ALA A 99 -26.30 -13.75 -10.08
N GLN A 100 -25.19 -14.29 -10.61
CA GLN A 100 -25.21 -15.69 -11.05
C GLN A 100 -25.30 -16.65 -9.88
N ALA A 101 -24.85 -16.23 -8.70
CA ALA A 101 -24.90 -17.08 -7.52
C ALA A 101 -26.35 -17.27 -7.06
N THR A 102 -26.98 -16.20 -6.57
CA THR A 102 -28.35 -16.29 -6.08
C THR A 102 -29.35 -16.34 -7.24
N GLY A 103 -29.55 -15.21 -7.90
CA GLY A 103 -30.47 -15.16 -9.03
C GLY A 103 -31.02 -13.78 -9.30
N ARG A 104 -30.58 -12.79 -8.52
CA ARG A 104 -31.03 -11.42 -8.72
C ARG A 104 -30.51 -10.86 -10.04
N GLN A 105 -31.27 -9.94 -10.61
CA GLN A 105 -30.82 -9.26 -11.82
C GLN A 105 -29.57 -8.44 -11.52
N LEU A 106 -28.66 -8.40 -12.48
CA LEU A 106 -27.41 -7.66 -12.29
C LEU A 106 -27.66 -6.17 -12.04
N GLU A 107 -28.79 -5.63 -12.49
CA GLU A 107 -29.12 -4.25 -12.18
C GLU A 107 -29.58 -4.08 -10.74
N SER A 108 -30.06 -5.15 -10.11
CA SER A 108 -30.54 -5.09 -8.73
C SER A 108 -29.42 -5.34 -7.72
N VAL A 109 -28.60 -6.37 -7.97
CA VAL A 109 -27.50 -6.66 -7.05
C VAL A 109 -26.45 -5.55 -7.11
N ARG A 110 -26.25 -4.93 -8.27
CA ARG A 110 -25.27 -3.86 -8.37
C ARG A 110 -25.71 -2.62 -7.61
N ALA A 111 -27.02 -2.44 -7.43
CA ALA A 111 -27.50 -1.29 -6.67
C ALA A 111 -27.40 -1.53 -5.17
N GLU A 112 -27.60 -2.77 -4.71
CA GLU A 112 -27.54 -3.06 -3.29
C GLU A 112 -26.13 -2.89 -2.75
N ALA A 113 -25.14 -3.45 -3.43
CA ALA A 113 -23.76 -3.38 -2.96
C ALA A 113 -23.24 -1.95 -2.95
N ALA A 114 -23.73 -1.11 -3.85
CA ALA A 114 -23.31 0.29 -3.86
C ALA A 114 -23.87 1.04 -2.66
N GLU A 115 -25.16 0.87 -2.39
CA GLU A 115 -25.77 1.53 -1.24
C GLU A 115 -25.25 0.98 0.07
N LYS A 116 -24.82 -0.28 0.09
CA LYS A 116 -24.27 -0.88 1.30
C LYS A 116 -22.77 -0.64 1.46
N GLY A 117 -22.05 -0.38 0.36
CA GLY A 117 -20.62 -0.19 0.44
C GLY A 117 -19.82 -1.43 0.74
N ASP A 118 -20.40 -2.62 0.52
CA ASP A 118 -19.73 -3.87 0.83
C ASP A 118 -20.47 -5.00 0.13
N VAL A 119 -19.77 -5.77 -0.70
CA VAL A 119 -20.41 -6.87 -1.39
C VAL A 119 -20.59 -8.09 -0.50
N GLY A 120 -19.79 -8.22 0.57
CA GLY A 120 -19.91 -9.38 1.44
C GLY A 120 -21.30 -9.53 2.03
N LEU A 121 -21.89 -8.42 2.47
CA LEU A 121 -23.25 -8.48 3.00
C LEU A 121 -24.27 -8.70 1.90
N VAL A 122 -23.98 -8.24 0.68
CA VAL A 122 -24.93 -8.39 -0.42
C VAL A 122 -24.95 -9.83 -0.91
N ALA A 123 -23.78 -10.48 -0.96
CA ALA A 123 -23.72 -11.85 -1.46
C ALA A 123 -24.26 -12.85 -0.46
N GLU A 124 -24.12 -12.57 0.84
CA GLU A 124 -24.60 -13.50 1.86
C GLU A 124 -26.12 -13.58 1.90
N ASN A 125 -26.80 -12.48 1.63
CA ASN A 125 -28.26 -12.43 1.67
C ASN A 125 -28.88 -13.39 0.65
N MET A 133 -30.63 -26.04 -3.55
CA MET A 133 -29.73 -27.00 -4.17
C MET A 133 -29.14 -27.94 -3.11
N LEU A 134 -28.59 -29.07 -3.56
CA LEU A 134 -27.97 -29.99 -2.63
C LEU A 134 -26.71 -29.37 -2.03
N PRO A 135 -26.39 -29.70 -0.78
CA PRO A 135 -25.20 -29.12 -0.15
C PRO A 135 -23.94 -29.83 -0.62
N PRO A 136 -23.02 -29.10 -1.25
CA PRO A 136 -21.71 -29.67 -1.58
C PRO A 136 -20.88 -29.86 -0.33
N PRO A 137 -19.75 -30.55 -0.42
CA PRO A 137 -18.90 -30.73 0.76
C PRO A 137 -18.49 -29.38 1.32
N PRO A 138 -18.31 -29.28 2.64
CA PRO A 138 -17.92 -28.01 3.24
C PRO A 138 -16.60 -27.49 2.67
N LEU A 139 -16.43 -26.18 2.71
CA LEU A 139 -15.29 -25.54 2.08
C LEU A 139 -14.03 -25.73 2.91
N THR A 140 -12.91 -25.94 2.21
CA THR A 140 -11.61 -26.14 2.84
C THR A 140 -10.77 -24.87 2.68
N ALA A 141 -10.09 -24.50 3.77
CA ALA A 141 -9.28 -23.28 3.74
C ALA A 141 -8.19 -23.36 2.68
N SER A 142 -7.43 -24.46 2.65
CA SER A 142 -6.39 -24.59 1.64
C SER A 142 -6.98 -24.76 0.25
N GLY A 143 -8.17 -25.34 0.14
CA GLY A 143 -8.81 -25.47 -1.16
C GLY A 143 -9.38 -24.16 -1.65
N VAL A 144 -9.89 -23.34 -0.74
CA VAL A 144 -10.35 -22.00 -1.11
C VAL A 144 -9.17 -21.16 -1.57
N PHE A 145 -8.04 -21.26 -0.86
CA PHE A 145 -6.83 -20.57 -1.30
C PHE A 145 -6.36 -21.08 -2.66
N SER A 146 -6.59 -22.36 -2.95
CA SER A 146 -6.24 -22.88 -4.27
C SER A 146 -7.14 -22.29 -5.36
N LYS A 147 -8.44 -22.20 -5.09
CA LYS A 147 -9.35 -21.59 -6.05
C LYS A 147 -9.03 -20.11 -6.28
N PHE A 148 -8.58 -19.42 -5.23
CA PHE A 148 -8.13 -18.03 -5.40
C PHE A 148 -6.93 -17.95 -6.32
N ARG A 149 -5.96 -18.85 -6.14
CA ARG A 149 -4.79 -18.86 -7.01
C ARG A 149 -5.16 -19.32 -8.42
N ASP A 150 -6.09 -20.27 -8.53
CA ASP A 150 -6.55 -20.71 -9.84
C ASP A 150 -7.21 -19.57 -10.61
N ILE A 151 -7.92 -18.69 -9.89
CA ILE A 151 -8.56 -17.54 -10.54
C ILE A 151 -7.51 -16.58 -11.07
N ALA A 152 -6.48 -16.30 -10.28
CA ALA A 152 -5.50 -15.29 -10.66
C ALA A 152 -4.68 -15.73 -11.88
N ARG A 153 -4.42 -17.03 -12.02
CA ARG A 153 -3.63 -17.52 -13.14
C ARG A 153 -4.41 -17.56 -14.45
N LEU A 154 -5.73 -17.37 -14.41
CA LEU A 154 -6.55 -17.38 -15.62
C LEU A 154 -6.29 -16.12 -16.44
N THR A 155 -5.82 -16.29 -17.67
CA THR A 155 -5.48 -15.18 -18.56
C THR A 155 -6.00 -15.49 -19.96
N GLY A 156 -5.83 -14.52 -20.85
CA GLY A 156 -6.21 -14.71 -22.23
C GLY A 156 -7.68 -14.46 -22.49
N SER A 157 -8.09 -14.80 -23.72
CA SER A 157 -9.47 -14.60 -24.13
C SER A 157 -10.40 -15.54 -23.40
N ALA A 158 -11.60 -15.06 -23.08
CA ALA A 158 -12.64 -15.82 -22.37
C ALA A 158 -12.19 -16.25 -20.98
N SER A 159 -11.13 -15.63 -20.44
CA SER A 159 -10.67 -16.00 -19.10
C SER A 159 -11.61 -15.49 -18.01
N THR A 160 -12.32 -14.40 -18.28
CA THR A 160 -13.21 -13.83 -17.26
C THR A 160 -14.34 -14.79 -16.93
N ALA A 161 -15.00 -15.33 -17.95
CA ALA A 161 -16.11 -16.25 -17.72
C ALA A 161 -15.64 -17.50 -16.97
N LYS A 162 -14.38 -17.89 -17.15
CA LYS A 162 -13.85 -19.00 -16.38
C LYS A 162 -13.64 -18.61 -14.92
N LYS A 163 -13.28 -17.36 -14.66
CA LYS A 163 -13.19 -16.89 -13.27
C LYS A 163 -14.55 -16.85 -12.61
N ILE A 164 -15.58 -16.39 -13.32
CA ILE A 164 -16.92 -16.34 -12.77
C ILE A 164 -17.40 -17.72 -12.36
N ASP A 165 -17.01 -18.75 -13.12
CA ASP A 165 -17.39 -20.11 -12.78
C ASP A 165 -16.80 -20.52 -11.43
N ILE A 166 -15.51 -20.25 -11.23
CA ILE A 166 -14.86 -20.64 -9.98
C ILE A 166 -15.46 -19.90 -8.80
N ILE A 167 -15.78 -18.61 -8.98
CA ILE A 167 -16.40 -17.85 -7.90
C ILE A 167 -17.78 -18.38 -7.58
N LYS A 168 -18.55 -18.74 -8.60
CA LYS A 168 -19.84 -19.37 -8.35
C LYS A 168 -19.67 -20.72 -7.66
N GLY A 169 -18.62 -21.46 -8.02
CA GLY A 169 -18.38 -22.74 -7.38
C GLY A 169 -18.08 -22.61 -5.91
N LEU A 170 -17.59 -21.45 -5.48
CA LEU A 170 -17.37 -21.22 -4.06
C LEU A 170 -18.64 -20.72 -3.38
N PHE A 171 -19.34 -19.78 -4.02
CA PHE A 171 -20.54 -19.20 -3.43
C PHE A 171 -21.66 -20.22 -3.27
N VAL A 172 -21.63 -21.31 -4.04
CA VAL A 172 -22.62 -22.37 -3.83
C VAL A 172 -22.24 -23.26 -2.66
N ALA A 173 -20.95 -23.35 -2.35
CA ALA A 173 -20.45 -24.18 -1.25
C ALA A 173 -20.30 -23.38 0.04
N CYS A 174 -20.79 -22.16 0.09
CA CYS A 174 -20.64 -21.32 1.29
C CYS A 174 -21.71 -21.66 2.31
N ARG A 175 -21.29 -21.79 3.57
CA ARG A 175 -22.19 -22.09 4.67
C ARG A 175 -22.12 -20.96 5.69
N HIS A 176 -23.30 -20.54 6.17
CA HIS A 176 -23.42 -19.50 7.19
C HIS A 176 -22.80 -18.19 6.74
N SER A 177 -21.63 -17.85 7.29
CA SER A 177 -20.97 -16.59 7.03
C SER A 177 -19.85 -16.69 6.01
N GLU A 178 -19.67 -17.87 5.40
CA GLU A 178 -18.60 -18.04 4.42
C GLU A 178 -18.77 -17.15 3.20
N ALA A 179 -20.03 -16.84 2.85
CA ALA A 179 -20.27 -16.02 1.67
C ALA A 179 -19.78 -14.59 1.85
N ARG A 180 -19.71 -14.12 3.10
CA ARG A 180 -19.28 -12.75 3.35
C ARG A 180 -17.81 -12.55 3.01
N PHE A 181 -16.95 -13.43 3.53
CA PHE A 181 -15.51 -13.21 3.46
C PHE A 181 -14.88 -13.72 2.17
N ILE A 182 -15.54 -14.62 1.45
CA ILE A 182 -15.09 -14.95 0.10
C ILE A 182 -15.27 -13.75 -0.82
N ALA A 183 -16.44 -13.10 -0.74
CA ALA A 183 -16.69 -11.93 -1.57
C ALA A 183 -15.78 -10.77 -1.19
N ARG A 184 -15.59 -10.55 0.12
CA ARG A 184 -14.73 -9.46 0.56
C ARG A 184 -13.29 -9.67 0.13
N SER A 185 -12.79 -10.90 0.26
CA SER A 185 -11.42 -11.19 -0.14
C SER A 185 -11.23 -11.04 -1.65
N LEU A 186 -12.20 -11.49 -2.44
CA LEU A 186 -12.08 -11.40 -3.89
C LEU A 186 -12.10 -9.96 -4.39
N SER A 187 -12.67 -9.04 -3.63
CA SER A 187 -12.67 -7.63 -3.99
C SER A 187 -11.55 -6.84 -3.33
N GLY A 188 -10.68 -7.49 -2.57
CA GLY A 188 -9.57 -6.81 -1.94
C GLY A 188 -9.95 -5.93 -0.78
N ARG A 189 -11.04 -6.25 -0.08
CA ARG A 189 -11.53 -5.46 1.04
C ARG A 189 -12.01 -6.40 2.15
N LEU A 190 -11.07 -7.07 2.81
CA LEU A 190 -11.43 -7.91 3.95
C LEU A 190 -11.93 -7.07 5.11
N ARG A 191 -11.26 -5.95 5.39
CA ARG A 191 -11.69 -4.97 6.40
C ARG A 191 -11.90 -5.60 7.77
N LEU A 192 -10.95 -6.45 8.19
CA LEU A 192 -11.01 -6.99 9.54
C LEU A 192 -10.48 -6.03 10.58
N GLY A 193 -9.79 -4.97 10.18
CA GLY A 193 -9.01 -4.18 11.11
C GLY A 193 -7.71 -4.85 11.50
N LEU A 194 -7.30 -5.87 10.74
CA LEU A 194 -6.11 -6.66 11.05
C LEU A 194 -5.35 -6.89 9.75
N ALA A 195 -4.05 -6.61 9.77
CA ALA A 195 -3.24 -6.74 8.57
C ALA A 195 -1.87 -7.32 8.90
N GLU A 196 -0.84 -6.93 8.12
CA GLU A 196 0.45 -7.61 8.17
C GLU A 196 1.06 -7.54 9.56
N GLN A 197 1.07 -6.35 10.17
CA GLN A 197 1.71 -6.19 11.48
C GLN A 197 1.03 -7.04 12.53
N SER A 198 -0.31 -7.09 12.52
CA SER A 198 -1.02 -7.89 13.51
C SER A 198 -1.03 -9.38 13.16
N VAL A 199 -1.04 -9.72 11.87
CA VAL A 199 -0.90 -11.13 11.46
C VAL A 199 0.44 -11.67 11.95
N LEU A 200 1.50 -10.89 11.78
CA LEU A 200 2.82 -11.34 12.22
C LEU A 200 2.90 -11.47 13.72
N ALA A 201 2.29 -10.53 14.45
CA ALA A 201 2.28 -10.62 15.91
C ALA A 201 1.49 -11.83 16.37
N ALA A 202 0.42 -12.18 15.65
CA ALA A 202 -0.37 -13.34 16.02
C ALA A 202 0.33 -14.65 15.64
N LEU A 203 1.13 -14.64 14.57
CA LEU A 203 1.87 -15.84 14.21
C LEU A 203 3.05 -16.04 15.15
N SER A 204 3.72 -14.96 15.54
CA SER A 204 4.78 -15.06 16.53
C SER A 204 4.25 -15.58 17.86
N GLN A 205 3.04 -15.15 18.24
CA GLN A 205 2.44 -15.61 19.49
C GLN A 205 2.16 -17.11 19.43
N ALA A 206 1.66 -17.59 18.30
CA ALA A 206 1.20 -18.98 18.21
C ALA A 206 2.36 -19.96 18.33
N VAL A 207 3.43 -19.73 17.58
CA VAL A 207 4.58 -20.63 17.61
C VAL A 207 5.36 -20.54 18.92
N SER A 208 5.10 -19.53 19.73
CA SER A 208 5.73 -19.42 21.06
C SER A 208 4.92 -20.14 22.12
N LEU A 209 3.59 -20.10 22.04
CA LEU A 209 2.76 -20.84 23.00
C LEU A 209 2.63 -22.30 22.61
N THR A 210 2.44 -22.59 21.32
CA THR A 210 2.36 -23.95 20.80
C THR A 210 3.52 -24.15 19.84
N PRO A 211 4.66 -24.63 20.31
CA PRO A 211 5.83 -24.82 19.44
C PRO A 211 5.55 -25.86 18.37
N PRO A 212 5.91 -25.58 17.13
CA PRO A 212 5.67 -26.55 16.04
C PRO A 212 6.59 -27.75 16.18
N GLY A 213 6.31 -28.76 15.34
CA GLY A 213 7.13 -29.95 15.31
C GLY A 213 7.06 -30.80 16.55
N GLN A 214 5.87 -30.99 17.12
CA GLN A 214 5.67 -31.80 18.31
C GLN A 214 4.84 -33.03 17.96
N GLU A 215 5.26 -34.18 18.51
CA GLU A 215 4.52 -35.41 18.30
C GLU A 215 3.12 -35.28 18.91
N PHE A 216 2.10 -35.41 18.07
CA PHE A 216 0.74 -35.20 18.52
C PHE A 216 0.27 -36.38 19.38
N PRO A 217 -0.51 -36.14 20.45
CA PRO A 217 -0.87 -34.83 21.03
C PRO A 217 0.33 -34.04 21.53
N PRO A 218 0.35 -32.72 21.32
CA PRO A 218 1.56 -31.95 21.65
C PRO A 218 1.75 -31.85 23.15
N ALA A 219 2.99 -32.07 23.59
CA ALA A 219 3.32 -31.98 25.01
C ALA A 219 3.27 -30.56 25.54
N MET A 220 3.13 -29.56 24.68
CA MET A 220 3.09 -28.16 25.10
C MET A 220 1.99 -27.46 24.29
N VAL A 221 0.85 -27.23 24.91
CA VAL A 221 -0.24 -26.50 24.28
C VAL A 221 -0.30 -25.04 24.74
N ASP A 222 0.35 -24.69 25.85
CA ASP A 222 0.38 -23.32 26.35
C ASP A 222 1.70 -23.13 27.09
N ALA A 223 2.73 -22.71 26.36
CA ALA A 223 4.03 -22.46 26.94
C ALA A 223 4.10 -21.21 27.79
N GLY A 224 2.99 -20.49 27.94
CA GLY A 224 2.92 -19.35 28.84
C GLY A 224 2.34 -19.73 30.18
N LYS A 225 2.51 -21.00 30.56
CA LYS A 225 1.90 -21.52 31.78
C LYS A 225 2.60 -20.99 33.03
N GLY A 226 3.83 -21.41 33.25
CA GLY A 226 4.55 -21.06 34.47
C GLY A 226 5.23 -19.70 34.43
N LYS A 227 4.77 -18.82 33.54
CA LYS A 227 5.32 -17.49 33.41
C LYS A 227 4.46 -16.49 34.17
N THR A 228 5.10 -15.46 34.73
CA THR A 228 4.37 -14.34 35.30
C THR A 228 3.95 -13.39 34.18
N ALA A 229 2.77 -12.77 34.36
CA ALA A 229 2.20 -11.94 33.31
C ALA A 229 3.15 -10.81 32.90
N GLU A 230 3.97 -10.32 33.83
CA GLU A 230 4.96 -9.32 33.48
C GLU A 230 6.02 -9.91 32.54
N ALA A 231 6.64 -11.02 32.95
CA ALA A 231 7.65 -11.66 32.12
C ALA A 231 7.07 -12.36 30.91
N ARG A 232 5.75 -12.53 30.84
CA ARG A 232 5.14 -13.14 29.67
C ARG A 232 4.97 -12.14 28.53
N LYS A 233 4.56 -10.92 28.85
CA LYS A 233 4.39 -9.90 27.82
C LYS A 233 5.72 -9.55 27.17
N THR A 234 6.80 -9.49 27.94
CA THR A 234 8.10 -9.23 27.35
C THR A 234 8.63 -10.45 26.63
N TRP A 235 8.23 -11.65 27.05
CA TRP A 235 8.63 -12.87 26.34
C TRP A 235 8.07 -12.88 24.92
N LEU A 236 6.75 -12.67 24.79
CA LEU A 236 6.14 -12.62 23.47
C LEU A 236 6.61 -11.41 22.68
N GLU A 237 6.87 -10.30 23.35
CA GLU A 237 7.37 -9.11 22.64
C GLU A 237 8.77 -9.34 22.09
N GLU A 238 9.61 -10.04 22.86
CA GLU A 238 10.93 -10.40 22.33
C GLU A 238 10.82 -11.42 21.21
N GLN A 239 9.85 -12.32 21.29
CA GLN A 239 9.65 -13.30 20.22
C GLN A 239 9.12 -12.62 18.95
N GLY A 240 8.19 -11.68 19.11
CA GLY A 240 7.68 -10.97 17.95
C GLY A 240 8.76 -10.18 17.22
N MET A 241 9.67 -9.57 17.97
CA MET A 241 10.73 -8.77 17.35
C MET A 241 11.66 -9.62 16.51
N ILE A 242 11.92 -10.87 16.94
CA ILE A 242 12.74 -11.77 16.14
C ILE A 242 12.06 -12.08 14.82
N LEU A 243 10.74 -12.30 14.85
CA LEU A 243 10.01 -12.58 13.62
C LEU A 243 9.88 -11.32 12.76
N LYS A 244 9.70 -10.16 13.38
CA LYS A 244 9.51 -8.93 12.60
C LYS A 244 10.75 -8.62 11.76
N GLN A 245 11.93 -8.67 12.38
CA GLN A 245 13.15 -8.29 11.69
C GLN A 245 13.49 -9.29 10.58
N THR A 246 13.34 -10.59 10.87
CA THR A 246 13.61 -11.59 9.85
C THR A 246 12.68 -11.40 8.65
N PHE A 247 11.40 -11.09 8.91
CA PHE A 247 10.48 -10.86 7.81
C PHE A 247 10.77 -9.56 7.09
N CYS A 248 11.36 -8.59 7.77
CA CYS A 248 11.71 -7.34 7.09
C CYS A 248 12.89 -7.52 6.15
N GLU A 249 13.76 -8.49 6.43
CA GLU A 249 14.84 -8.83 5.51
C GLU A 249 14.40 -9.83 4.45
N VAL A 250 13.46 -10.70 4.78
CA VAL A 250 12.91 -11.67 3.82
C VAL A 250 11.39 -11.65 3.91
N PRO A 251 10.72 -10.65 3.31
CA PRO A 251 9.25 -10.66 3.31
C PRO A 251 8.68 -11.70 2.36
N ASP A 252 8.86 -12.98 2.71
CA ASP A 252 8.48 -14.09 1.83
C ASP A 252 7.99 -15.22 2.72
N LEU A 253 6.67 -15.33 2.88
CA LEU A 253 6.10 -16.37 3.73
C LEU A 253 6.34 -17.77 3.19
N ASP A 254 6.63 -17.90 1.89
CA ASP A 254 6.98 -19.20 1.33
C ASP A 254 8.37 -19.66 1.78
N ARG A 255 9.19 -18.75 2.31
CA ARG A 255 10.50 -19.09 2.84
C ARG A 255 10.53 -19.13 4.36
N ILE A 256 9.74 -18.28 5.03
CA ILE A 256 9.79 -18.20 6.48
C ILE A 256 9.08 -19.38 7.11
N ILE A 257 7.88 -19.71 6.61
CA ILE A 257 7.08 -20.77 7.24
C ILE A 257 7.78 -22.13 7.20
N PRO A 258 8.33 -22.60 6.08
CA PRO A 258 9.04 -23.90 6.12
C PRO A 258 10.20 -23.90 7.10
N VAL A 259 10.95 -22.81 7.18
CA VAL A 259 12.03 -22.73 8.16
C VAL A 259 11.46 -22.59 9.57
N LEU A 260 10.39 -21.81 9.72
CA LEU A 260 9.76 -21.67 11.03
C LEU A 260 9.18 -22.98 11.51
N LEU A 261 8.51 -23.72 10.62
CA LEU A 261 7.79 -24.93 11.01
C LEU A 261 8.73 -26.04 11.47
N GLU A 262 10.02 -25.96 11.13
CA GLU A 262 10.96 -27.04 11.42
C GLU A 262 12.03 -26.66 12.43
N HIS A 263 12.51 -25.43 12.40
CA HIS A 263 13.60 -25.01 13.28
C HIS A 263 13.15 -24.05 14.37
N GLY A 264 11.88 -23.67 14.41
CA GLY A 264 11.35 -22.83 15.46
C GLY A 264 11.63 -21.35 15.23
N LEU A 265 11.04 -20.54 16.10
CA LEU A 265 11.19 -19.09 16.00
C LEU A 265 12.61 -18.66 16.36
N GLU A 266 13.19 -19.26 17.40
CA GLU A 266 14.49 -18.81 17.89
C GLU A 266 15.59 -19.00 16.85
N ARG A 267 15.54 -20.11 16.12
CA ARG A 267 16.54 -20.40 15.10
C ARG A 267 16.18 -19.83 13.73
N LEU A 268 15.16 -18.99 13.65
CA LEU A 268 14.73 -18.47 12.34
C LEU A 268 15.75 -17.53 11.73
N PRO A 269 16.32 -16.54 12.44
CA PRO A 269 17.25 -15.61 11.77
C PRO A 269 18.53 -16.27 11.28
N GLU A 270 18.87 -17.46 11.76
CA GLU A 270 20.09 -18.12 11.34
C GLU A 270 20.01 -18.72 9.94
N HIS A 271 18.83 -18.71 9.31
CA HIS A 271 18.68 -19.35 8.01
C HIS A 271 18.01 -18.42 7.00
N CYS A 272 17.15 -17.52 7.47
CA CYS A 272 16.50 -16.53 6.62
C CYS A 272 17.24 -15.20 6.78
N LYS A 273 18.33 -15.07 6.03
CA LYS A 273 19.19 -13.90 6.08
C LYS A 273 18.98 -13.04 4.85
N LEU A 274 19.25 -11.75 5.00
CA LEU A 274 19.16 -10.81 3.88
C LEU A 274 20.27 -11.11 2.88
N SER A 275 19.87 -11.51 1.67
CA SER A 275 20.80 -11.86 0.61
C SER A 275 20.29 -11.31 -0.71
N PRO A 276 21.19 -11.00 -1.65
CA PRO A 276 20.73 -10.48 -2.94
C PRO A 276 19.87 -11.49 -3.68
N GLY A 277 18.92 -10.96 -4.45
CA GLY A 277 17.95 -11.76 -5.17
C GLY A 277 16.60 -11.86 -4.47
N ILE A 278 16.58 -11.73 -3.16
CA ILE A 278 15.36 -11.74 -2.37
C ILE A 278 15.09 -10.31 -1.92
N PRO A 279 13.99 -9.70 -2.35
CA PRO A 279 13.73 -8.30 -1.97
C PRO A 279 13.44 -8.17 -0.48
N LEU A 280 13.77 -7.01 0.07
CA LEU A 280 13.55 -6.72 1.47
C LEU A 280 12.69 -5.46 1.60
N LYS A 281 12.03 -5.34 2.74
CA LYS A 281 11.17 -4.18 2.99
C LYS A 281 12.00 -2.92 3.06
N PRO A 282 11.71 -1.89 2.25
CA PRO A 282 12.52 -0.68 2.28
C PRO A 282 12.16 0.23 3.45
N MET A 283 13.12 1.08 3.80
CA MET A 283 12.93 2.00 4.92
C MET A 283 11.97 3.11 4.54
N LEU A 284 10.85 3.21 5.25
CA LEU A 284 9.84 4.22 4.96
C LEU A 284 10.18 5.53 5.68
N ALA A 285 9.59 6.60 5.17
CA ALA A 285 9.78 7.93 5.73
C ALA A 285 8.60 8.28 6.63
N HIS A 286 8.68 9.46 7.25
CA HIS A 286 7.65 9.93 8.15
C HIS A 286 7.53 11.44 7.98
N PRO A 287 6.32 11.97 7.78
CA PRO A 287 6.18 13.40 7.48
C PRO A 287 6.33 14.24 8.74
N THR A 288 7.18 15.27 8.64
CA THR A 288 7.39 16.21 9.73
C THR A 288 6.63 17.50 9.46
N ARG A 289 6.34 18.22 10.54
CA ARG A 289 5.54 19.44 10.45
C ARG A 289 6.33 20.57 9.80
N GLY A 290 7.39 21.03 10.46
CA GLY A 290 8.19 22.13 9.97
C GLY A 290 9.66 21.89 10.18
N ILE A 291 10.46 22.89 9.82
CA ILE A 291 11.91 22.79 9.94
C ILE A 291 12.30 22.63 11.41
N SER A 292 11.65 23.38 12.30
CA SER A 292 11.89 23.21 13.73
C SER A 292 11.37 21.88 14.23
N GLU A 293 10.41 21.26 13.53
CA GLU A 293 9.94 19.94 13.91
C GLU A 293 10.98 18.86 13.69
N VAL A 294 11.94 19.10 12.78
CA VAL A 294 13.01 18.13 12.57
C VAL A 294 13.97 18.14 13.76
N LEU A 295 14.35 19.33 14.23
CA LEU A 295 15.20 19.47 15.42
C LEU A 295 14.35 19.26 16.67
N LYS A 296 13.97 17.99 16.87
CA LYS A 296 13.16 17.61 18.02
C LYS A 296 13.55 16.28 18.65
N ARG A 297 14.16 15.36 17.91
CA ARG A 297 14.63 14.11 18.48
C ARG A 297 15.85 14.33 19.37
N GLU A 300 19.95 17.22 19.25
CA GLU A 300 18.95 16.38 18.61
C GLU A 300 19.58 15.45 17.58
N ALA A 301 20.78 14.96 17.89
CA ALA A 301 21.54 14.02 17.07
C ALA A 301 22.02 14.64 15.76
N ALA A 302 23.15 14.18 15.26
CA ALA A 302 23.70 14.66 13.99
C ALA A 302 23.11 13.87 12.83
N PHE A 303 22.65 14.58 11.80
CA PHE A 303 21.96 13.97 10.68
C PHE A 303 22.50 14.52 9.37
N THR A 304 22.05 13.91 8.27
CA THR A 304 22.34 14.36 6.92
C THR A 304 21.04 14.75 6.25
N CYS A 305 21.16 15.48 5.14
CA CYS A 305 19.99 16.03 4.45
C CYS A 305 20.21 15.91 2.95
N GLU A 306 19.46 15.01 2.31
CA GLU A 306 19.47 14.84 0.86
C GLU A 306 18.12 15.24 0.29
N TYR A 307 18.09 15.41 -1.04
CA TYR A 307 16.84 15.70 -1.70
C TYR A 307 15.90 14.49 -1.66
N LYS A 308 14.61 14.76 -1.79
CA LYS A 308 13.61 13.73 -2.03
C LYS A 308 13.22 13.81 -3.51
N TYR A 309 13.70 12.85 -4.30
CA TYR A 309 13.54 12.90 -5.74
C TYR A 309 12.20 12.31 -6.16
N ASP A 310 11.53 13.01 -7.07
CA ASP A 310 10.18 12.64 -7.52
C ASP A 310 10.29 11.59 -8.61
N GLY A 311 10.29 10.33 -8.19
CA GLY A 311 10.36 9.20 -9.12
C GLY A 311 9.72 7.98 -8.53
N GLN A 312 10.30 6.82 -8.81
CA GLN A 312 9.80 5.55 -8.29
C GLN A 312 10.93 4.87 -7.51
N ARG A 313 10.59 4.37 -6.32
CA ARG A 313 11.56 3.66 -5.51
C ARG A 313 11.91 2.31 -6.15
N ALA A 314 13.20 2.07 -6.34
CA ALA A 314 13.65 0.81 -6.94
C ALA A 314 14.99 0.43 -6.32
N GLN A 315 15.03 -0.71 -5.65
CA GLN A 315 16.26 -1.23 -5.07
C GLN A 315 16.87 -2.26 -6.01
N ILE A 316 18.18 -2.15 -6.21
CA ILE A 316 18.89 -2.93 -7.22
C ILE A 316 19.71 -3.99 -6.50
N HIS A 317 19.44 -5.25 -6.82
CA HIS A 317 20.16 -6.38 -6.26
C HIS A 317 21.19 -6.89 -7.26
N ALA A 318 22.31 -7.39 -6.73
CA ALA A 318 23.35 -8.00 -7.56
C ALA A 318 23.82 -9.28 -6.89
N LEU A 319 23.43 -10.42 -7.45
CA LEU A 319 23.91 -11.69 -6.94
C LEU A 319 25.37 -11.91 -7.32
N GLU A 320 26.03 -12.78 -6.55
CA GLU A 320 27.43 -13.09 -6.84
C GLU A 320 27.60 -13.72 -8.21
N GLY A 321 26.59 -14.48 -8.67
CA GLY A 321 26.66 -15.15 -9.95
C GLY A 321 26.57 -14.24 -11.17
N GLY A 322 26.47 -12.92 -10.98
CA GLY A 322 26.40 -11.98 -12.06
C GLY A 322 25.00 -11.52 -12.41
N GLU A 323 23.98 -12.31 -12.11
CA GLU A 323 22.61 -11.92 -12.43
C GLU A 323 22.21 -10.69 -11.61
N VAL A 324 21.46 -9.80 -12.24
CA VAL A 324 21.02 -8.55 -11.63
C VAL A 324 19.50 -8.51 -11.65
N LYS A 325 18.91 -8.12 -10.53
CA LYS A 325 17.47 -7.99 -10.39
C LYS A 325 17.13 -6.62 -9.81
N ILE A 326 15.91 -6.16 -10.08
CA ILE A 326 15.43 -4.87 -9.61
C ILE A 326 14.02 -5.05 -9.05
N PHE A 327 13.85 -4.76 -7.77
CA PHE A 327 12.55 -4.85 -7.13
C PHE A 327 12.05 -3.46 -6.77
N SER A 328 10.74 -3.35 -6.60
CA SER A 328 10.11 -2.08 -6.27
C SER A 328 9.91 -1.97 -4.77
N ARG A 329 9.33 -0.83 -4.35
CA ARG A 329 9.07 -0.58 -2.93
C ARG A 329 8.15 -1.64 -2.34
N ASN A 330 7.36 -2.33 -3.17
CA ASN A 330 6.44 -3.37 -2.70
C ASN A 330 6.94 -4.77 -3.04
N GLN A 331 8.25 -4.93 -3.24
CA GLN A 331 8.91 -6.20 -3.56
C GLN A 331 8.50 -6.76 -4.92
N ALA A 332 7.81 -5.99 -5.74
CA ALA A 332 7.42 -6.45 -7.07
C ALA A 332 8.64 -6.45 -8.00
N ASP A 333 8.76 -7.51 -8.80
CA ASP A 333 9.90 -7.64 -9.70
C ASP A 333 9.77 -6.65 -10.85
N ASN A 334 10.75 -5.76 -10.98
CA ASN A 334 10.76 -4.73 -12.01
C ASN A 334 11.97 -4.86 -12.92
N THR A 335 12.59 -6.04 -12.97
CA THR A 335 13.80 -6.19 -13.79
C THR A 335 13.49 -6.07 -15.27
N GLY A 336 12.38 -6.65 -15.72
CA GLY A 336 11.98 -6.51 -17.10
C GLY A 336 11.61 -5.09 -17.49
N LYS A 337 11.39 -4.23 -16.49
CA LYS A 337 11.07 -2.84 -16.75
C LYS A 337 12.31 -2.01 -17.05
N TYR A 338 13.50 -2.46 -16.61
CA TYR A 338 14.74 -1.71 -16.78
C TYR A 338 15.79 -2.55 -17.50
N PRO A 339 15.64 -2.74 -18.82
CA PRO A 339 16.75 -3.32 -19.59
C PRO A 339 17.90 -2.34 -19.75
N ASP A 340 17.62 -1.04 -19.72
CA ASP A 340 18.65 -0.02 -19.80
C ASP A 340 19.48 0.09 -18.52
N ILE A 341 19.06 -0.55 -17.44
CA ILE A 341 19.80 -0.55 -16.19
C ILE A 341 20.63 -1.81 -16.04
N ILE A 342 20.05 -2.97 -16.35
CA ILE A 342 20.81 -4.22 -16.33
C ILE A 342 21.98 -4.16 -17.29
N SER A 343 21.87 -3.34 -18.34
CA SER A 343 22.98 -3.15 -19.27
C SER A 343 24.03 -2.22 -18.67
N ARG A 344 23.61 -1.06 -18.17
CA ARG A 344 24.51 -0.08 -17.58
C ARG A 344 24.90 -0.43 -16.14
N ILE A 345 24.73 -1.69 -15.74
CA ILE A 345 25.06 -2.14 -14.39
C ILE A 345 26.55 -1.93 -14.10
N PRO A 346 27.45 -2.54 -14.87
CA PRO A 346 28.89 -2.40 -14.55
C PRO A 346 29.42 -0.97 -14.63
N LYS A 347 28.64 -0.02 -15.13
CA LYS A 347 29.10 1.37 -15.21
C LYS A 347 29.11 2.07 -13.87
N ILE A 348 28.52 1.46 -12.83
CA ILE A 348 28.45 2.11 -11.52
C ILE A 348 29.33 1.41 -10.47
N LYS A 349 29.67 0.15 -10.65
CA LYS A 349 30.41 -0.60 -9.64
C LYS A 349 31.90 -0.62 -9.97
N LEU A 350 32.72 -0.76 -8.92
CA LEU A 350 34.16 -0.92 -9.03
C LEU A 350 34.52 -2.40 -9.05
N PRO A 351 35.71 -2.76 -9.53
CA PRO A 351 36.13 -4.16 -9.46
C PRO A 351 35.86 -4.86 -8.14
N SER A 352 36.03 -4.18 -7.00
CA SER A 352 35.86 -4.84 -5.72
C SER A 352 34.41 -5.24 -5.46
N VAL A 353 33.45 -4.64 -6.16
CA VAL A 353 32.03 -4.93 -5.95
C VAL A 353 31.69 -6.22 -6.67
N THR A 354 31.35 -7.26 -5.90
CA THR A 354 30.86 -8.51 -6.44
C THR A 354 29.43 -8.84 -6.01
N SER A 355 28.91 -8.14 -5.01
CA SER A 355 27.53 -8.31 -4.56
C SER A 355 27.11 -7.02 -3.88
N PHE A 356 25.89 -6.58 -4.13
CA PHE A 356 25.45 -5.32 -3.56
C PHE A 356 23.93 -5.18 -3.64
N ILE A 357 23.40 -4.26 -2.82
CA ILE A 357 22.01 -3.85 -2.85
C ILE A 357 21.96 -2.36 -2.51
N LEU A 358 21.47 -1.54 -3.44
CA LEU A 358 21.37 -0.10 -3.18
C LEU A 358 19.93 0.34 -3.18
N ASP A 359 19.61 1.23 -2.25
CA ASP A 359 18.29 1.86 -2.15
C ASP A 359 18.33 3.16 -2.95
N THR A 360 17.85 3.10 -4.19
CA THR A 360 17.86 4.25 -5.08
C THR A 360 16.44 4.66 -5.43
N GLU A 361 16.32 5.79 -6.12
CA GLU A 361 15.05 6.28 -6.66
C GLU A 361 15.24 6.57 -8.13
N ALA A 362 14.35 6.01 -8.96
CA ALA A 362 14.45 6.15 -10.41
C ALA A 362 13.59 7.31 -10.87
N VAL A 363 14.22 8.32 -11.46
CA VAL A 363 13.55 9.54 -11.91
C VAL A 363 13.82 9.72 -13.39
N ALA A 364 12.80 10.16 -14.13
CA ALA A 364 12.93 10.36 -15.56
C ALA A 364 13.93 11.47 -15.87
N TRP A 365 14.79 11.24 -16.85
CA TRP A 365 15.90 12.13 -17.17
C TRP A 365 15.90 12.40 -18.67
N ASP A 366 15.87 13.68 -19.04
CA ASP A 366 15.95 14.08 -20.44
C ASP A 366 17.41 14.20 -20.84
N ARG A 367 17.75 13.60 -21.98
CA ARG A 367 19.13 13.62 -22.43
C ARG A 367 19.52 14.98 -23.01
N GLU A 368 18.62 15.61 -23.78
CA GLU A 368 18.94 16.86 -24.44
C GLU A 368 19.10 18.00 -23.43
N LYS A 369 18.03 18.29 -22.68
CA LYS A 369 18.08 19.40 -21.74
C LYS A 369 18.96 19.09 -20.52
N LYS A 370 19.04 17.83 -20.13
CA LYS A 370 19.82 17.43 -18.96
C LYS A 370 19.17 17.91 -17.67
N GLN A 371 17.86 17.64 -17.53
CA GLN A 371 17.10 18.05 -16.37
C GLN A 371 16.12 16.95 -15.99
N ILE A 372 15.66 17.02 -14.74
CA ILE A 372 14.73 16.03 -14.21
C ILE A 372 13.34 16.27 -14.77
N GLN A 373 12.68 15.21 -15.22
CA GLN A 373 11.32 15.26 -15.72
C GLN A 373 10.33 14.96 -14.61
N PRO A 374 9.09 15.44 -14.72
CA PRO A 374 8.09 15.17 -13.69
C PRO A 374 7.74 13.68 -13.61
N PHE A 375 6.99 13.35 -12.56
CA PHE A 375 6.65 11.95 -12.29
C PHE A 375 5.82 11.34 -13.42
N GLN A 376 5.02 12.17 -14.11
CA GLN A 376 4.17 11.64 -15.19
C GLN A 376 5.00 11.01 -16.29
N VAL A 377 6.16 11.59 -16.59
CA VAL A 377 7.01 11.05 -17.65
C VAL A 377 7.59 9.70 -17.24
N LEU A 378 7.90 9.51 -15.96
CA LEU A 378 8.43 8.23 -15.51
C LEU A 378 7.39 7.13 -15.65
N THR A 379 6.16 7.38 -15.22
CA THR A 379 5.13 6.35 -15.31
C THR A 379 4.63 6.13 -16.74
N THR A 380 5.26 6.72 -17.76
CA THR A 380 4.90 6.45 -19.15
C THR A 380 5.76 5.36 -19.78
N ARG A 381 6.70 4.80 -19.03
CA ARG A 381 7.47 3.66 -19.54
C ARG A 381 6.60 2.40 -19.54
N LYS A 382 7.01 1.43 -20.35
CA LYS A 382 6.30 0.17 -20.41
C LYS A 382 6.83 -0.79 -19.35
N ARG A 383 6.01 -1.79 -19.03
CA ARG A 383 6.44 -2.85 -18.11
C ARG A 383 6.54 -4.18 -18.85
N LYS A 384 6.12 -5.27 -18.20
CA LYS A 384 6.18 -6.61 -18.77
C LYS A 384 7.60 -6.97 -19.19
N GLU A 385 7.86 -7.02 -20.50
CA GLU A 385 9.16 -7.38 -21.05
C GLU A 385 9.55 -6.30 -22.06
N VAL A 386 10.27 -5.29 -21.59
CA VAL A 386 10.70 -4.19 -22.44
C VAL A 386 12.01 -4.55 -23.12
N ASP A 387 12.13 -4.19 -24.40
CA ASP A 387 13.37 -4.33 -25.13
C ASP A 387 14.15 -3.02 -25.04
N ALA A 388 15.45 -3.11 -24.77
CA ALA A 388 16.27 -1.93 -24.58
C ALA A 388 16.36 -1.06 -25.83
N SER A 389 15.93 -1.55 -26.99
CA SER A 389 15.98 -0.76 -28.20
C SER A 389 14.85 0.27 -28.25
N GLU A 390 13.66 -0.11 -27.80
CA GLU A 390 12.47 0.75 -27.87
C GLU A 390 12.21 1.49 -26.57
N ILE A 391 13.26 1.93 -25.88
CA ILE A 391 13.12 2.71 -24.65
C ILE A 391 13.23 4.17 -25.02
N GLN A 392 12.12 4.91 -24.88
CA GLN A 392 12.06 6.31 -25.26
C GLN A 392 12.05 7.26 -24.07
N VAL A 393 12.10 6.75 -22.85
CA VAL A 393 12.10 7.58 -21.64
C VAL A 393 13.31 7.16 -20.82
N GLN A 394 14.37 7.97 -20.84
CA GLN A 394 15.57 7.65 -20.09
C GLN A 394 15.37 7.86 -18.61
N VAL A 395 16.13 7.11 -17.80
CA VAL A 395 16.01 7.14 -16.35
C VAL A 395 17.41 7.21 -15.75
N CYS A 396 17.51 7.89 -14.60
CA CYS A 396 18.77 8.11 -13.92
C CYS A 396 18.61 7.76 -12.45
N LEU A 397 19.47 6.86 -11.95
CA LEU A 397 19.43 6.47 -10.54
C LEU A 397 20.07 7.53 -9.67
N TYR A 398 19.49 7.74 -8.49
CA TYR A 398 20.03 8.63 -7.48
C TYR A 398 20.18 7.82 -6.20
N ALA A 399 21.30 7.12 -6.08
CA ALA A 399 21.52 6.20 -4.97
C ALA A 399 21.68 6.97 -3.66
N PHE A 400 21.07 6.44 -2.60
CA PHE A 400 21.14 7.08 -1.29
C PHE A 400 21.32 6.09 -0.14
N ASP A 401 21.63 4.83 -0.41
CA ASP A 401 21.89 3.86 0.65
C ASP A 401 22.54 2.63 0.05
N LEU A 402 23.39 1.98 0.84
CA LEU A 402 24.03 0.72 0.50
C LEU A 402 23.70 -0.31 1.56
N ILE A 403 23.09 -1.41 1.15
CA ILE A 403 22.63 -2.44 2.08
C ILE A 403 23.54 -3.67 2.07
N TYR A 404 24.05 -4.03 0.90
CA TYR A 404 24.88 -5.22 0.74
C TYR A 404 26.20 -4.83 0.09
N LEU A 405 27.24 -5.63 0.36
CA LEU A 405 28.54 -5.40 -0.26
C LEU A 405 29.39 -6.66 -0.10
N ASN A 406 29.38 -7.50 -1.14
CA ASN A 406 30.25 -8.67 -1.24
C ASN A 406 30.13 -9.58 -0.02
N GLY A 407 29.01 -10.30 0.02
CA GLY A 407 28.75 -11.26 1.07
C GLY A 407 28.35 -10.68 2.41
N GLU A 408 28.58 -9.39 2.64
CA GLU A 408 28.32 -8.77 3.93
C GLU A 408 27.02 -7.98 3.89
N SER A 409 26.26 -8.05 4.97
CA SER A 409 25.01 -7.30 5.12
C SER A 409 25.26 -6.08 6.00
N LEU A 410 24.79 -4.92 5.54
CA LEU A 410 25.07 -3.64 6.19
C LEU A 410 23.88 -3.14 7.00
N VAL A 411 23.05 -4.05 7.51
CA VAL A 411 21.86 -3.65 8.25
C VAL A 411 22.24 -2.98 9.57
N ARG A 412 23.20 -3.56 10.28
CA ARG A 412 23.62 -3.05 11.59
C ARG A 412 24.85 -2.17 11.46
N GLU A 413 24.68 -1.05 10.77
CA GLU A 413 25.75 -0.09 10.50
C GLU A 413 25.07 1.26 10.29
N PRO A 414 25.73 2.37 10.64
CA PRO A 414 25.09 3.67 10.51
C PRO A 414 25.10 4.24 9.10
N LEU A 415 24.26 5.26 8.92
CA LEU A 415 24.23 5.94 7.64
C LEU A 415 25.58 6.56 7.32
N SER A 416 26.33 6.98 8.35
CA SER A 416 27.64 7.58 8.12
C SER A 416 28.62 6.57 7.52
N ARG A 417 28.55 5.31 7.96
CA ARG A 417 29.42 4.31 7.35
C ARG A 417 28.85 3.80 6.04
N ARG A 418 27.54 3.51 6.00
CA ARG A 418 26.93 3.03 4.77
C ARG A 418 27.18 3.99 3.61
N ARG A 419 27.07 5.30 3.87
CA ARG A 419 27.41 6.29 2.85
C ARG A 419 28.90 6.29 2.51
N GLN A 420 29.74 5.77 3.41
CA GLN A 420 31.17 5.70 3.13
C GLN A 420 31.46 4.71 2.01
N LEU A 421 31.11 3.43 2.21
CA LEU A 421 31.34 2.43 1.17
C LEU A 421 30.52 2.72 -0.07
N LEU A 422 29.38 3.37 0.09
CA LEU A 422 28.55 3.72 -1.07
C LEU A 422 29.33 4.63 -2.02
N ARG A 423 29.93 5.70 -1.49
CA ARG A 423 30.74 6.59 -2.30
C ARG A 423 32.11 6.00 -2.62
N GLU A 424 32.55 5.00 -1.86
CA GLU A 424 33.88 4.42 -2.06
C GLU A 424 33.90 3.33 -3.12
N ASN A 425 32.82 2.57 -3.26
CA ASN A 425 32.78 1.43 -4.18
C ASN A 425 31.84 1.68 -5.36
N PHE A 426 31.50 2.93 -5.65
CA PHE A 426 30.61 3.24 -6.75
C PHE A 426 31.03 4.54 -7.41
N VAL A 427 31.05 4.54 -8.74
CA VAL A 427 31.57 5.66 -9.53
C VAL A 427 30.40 6.45 -10.12
N GLU A 428 30.53 7.76 -10.12
CA GLU A 428 29.48 8.64 -10.64
C GLU A 428 29.35 8.51 -12.15
N THR A 429 28.26 9.08 -12.68
CA THR A 429 28.05 9.16 -14.11
C THR A 429 27.00 10.25 -14.36
N GLU A 430 27.45 11.40 -14.87
CA GLU A 430 26.54 12.52 -15.13
C GLU A 430 25.50 12.15 -16.17
N GLY A 431 24.27 11.93 -15.73
CA GLY A 431 23.16 11.57 -16.60
C GLY A 431 22.60 10.19 -16.36
N GLU A 432 23.38 9.27 -15.78
CA GLU A 432 22.93 7.91 -15.52
C GLU A 432 22.97 7.53 -14.05
N PHE A 433 24.03 7.88 -13.33
CA PHE A 433 24.18 7.50 -11.93
C PHE A 433 24.75 8.66 -11.13
N VAL A 434 24.02 9.09 -10.10
CA VAL A 434 24.46 10.15 -9.21
C VAL A 434 24.03 9.81 -7.79
N PHE A 435 24.67 10.45 -6.82
CA PHE A 435 24.29 10.31 -5.43
C PHE A 435 23.32 11.41 -5.06
N ALA A 436 22.37 11.08 -4.18
CA ALA A 436 21.45 12.09 -3.66
C ALA A 436 22.24 13.17 -2.95
N THR A 437 22.14 14.41 -3.45
CA THR A 437 22.92 15.53 -2.93
C THR A 437 22.71 15.71 -1.43
N SER A 438 23.65 15.23 -0.62
CA SER A 438 23.55 15.27 0.83
C SER A 438 24.42 16.41 1.36
N LEU A 439 23.78 17.39 1.99
CA LEU A 439 24.47 18.51 2.63
C LEU A 439 24.37 18.32 4.14
N ASP A 440 25.46 17.87 4.76
CA ASP A 440 25.48 17.64 6.19
C ASP A 440 25.61 18.98 6.92
N THR A 441 24.66 19.28 7.79
CA THR A 441 24.66 20.54 8.53
C THR A 441 23.84 20.35 9.80
N LYS A 442 23.57 21.45 10.50
CA LYS A 442 22.81 21.39 11.75
C LYS A 442 22.14 22.74 12.05
N ASP A 443 22.53 23.79 11.32
CA ASP A 443 21.98 25.11 11.54
C ASP A 443 20.66 25.26 10.79
N ILE A 444 19.63 25.75 11.50
CA ILE A 444 18.31 25.89 10.90
C ILE A 444 18.26 26.98 9.85
N GLU A 445 19.27 27.85 9.77
CA GLU A 445 19.30 28.87 8.75
C GLU A 445 19.52 28.27 7.37
N GLN A 446 20.67 27.59 7.18
CA GLN A 446 20.96 26.96 5.91
C GLN A 446 20.12 25.71 5.68
N ILE A 447 19.47 25.19 6.72
CA ILE A 447 18.64 24.00 6.56
C ILE A 447 17.39 24.34 5.77
N ALA A 448 16.68 25.40 6.18
CA ALA A 448 15.51 25.84 5.42
C ALA A 448 15.92 26.35 4.04
N GLU A 449 17.17 26.84 3.90
CA GLU A 449 17.65 27.25 2.59
C GLU A 449 17.83 26.05 1.66
N PHE A 450 18.39 24.96 2.17
CA PHE A 450 18.55 23.76 1.35
C PHE A 450 17.20 23.19 0.93
N LEU A 451 16.17 23.34 1.77
CA LEU A 451 14.85 22.83 1.44
C LEU A 451 14.25 23.58 0.25
N GLU A 452 14.15 24.91 0.36
CA GLU A 452 13.63 25.71 -0.74
C GLU A 452 14.51 25.67 -1.97
N GLN A 453 15.75 25.19 -1.84
CA GLN A 453 16.59 24.98 -3.01
C GLN A 453 16.12 23.76 -3.80
N SER A 454 15.79 22.67 -3.10
CA SER A 454 15.43 21.42 -3.76
C SER A 454 14.38 21.61 -4.84
N VAL A 455 13.44 22.54 -4.62
CA VAL A 455 12.41 22.79 -5.62
C VAL A 455 13.02 23.36 -6.88
N LYS A 456 14.02 24.24 -6.75
CA LYS A 456 14.66 24.82 -7.92
C LYS A 456 15.36 23.75 -8.77
N ASP A 457 15.89 22.70 -8.12
CA ASP A 457 16.48 21.57 -8.83
C ASP A 457 15.46 20.50 -9.17
N SER A 458 14.19 20.87 -9.32
CA SER A 458 13.09 19.96 -9.64
C SER A 458 13.11 18.71 -8.74
N CYS A 459 12.71 18.94 -7.50
CA CYS A 459 12.61 17.88 -6.51
C CYS A 459 11.39 18.13 -5.63
N GLU A 460 10.97 17.07 -4.93
CA GLU A 460 9.83 17.19 -4.03
C GLU A 460 10.20 17.99 -2.79
N GLY A 461 11.26 17.58 -2.09
CA GLY A 461 11.66 18.27 -0.88
C GLY A 461 12.96 17.75 -0.30
N LEU A 462 13.02 17.66 1.03
CA LEU A 462 14.24 17.32 1.74
C LEU A 462 14.06 16.00 2.48
N MET A 463 15.06 15.13 2.36
CA MET A 463 15.13 13.91 3.16
C MET A 463 15.99 14.18 4.39
N VAL A 464 15.59 13.61 5.52
CA VAL A 464 16.28 13.83 6.80
C VAL A 464 16.38 12.50 7.53
N LYS A 465 17.61 12.02 7.71
CA LYS A 465 17.86 10.75 8.39
C LYS A 465 19.10 10.89 9.25
N THR A 466 19.10 10.22 10.39
CA THR A 466 20.21 10.31 11.34
C THR A 466 21.47 9.66 10.75
N LEU A 467 22.61 10.03 11.34
CA LEU A 467 23.90 9.53 10.91
C LEU A 467 24.52 8.51 11.85
N ASP A 468 24.16 8.52 13.13
CA ASP A 468 24.75 7.59 14.09
C ASP A 468 23.74 7.13 15.15
N VAL A 469 22.98 8.07 15.70
CA VAL A 469 22.00 7.75 16.73
C VAL A 469 20.74 7.23 16.06
N ASP A 470 20.42 5.96 16.27
CA ASP A 470 19.29 5.30 15.64
C ASP A 470 19.34 5.46 14.12
N ALA A 471 20.49 5.09 13.54
CA ALA A 471 20.75 5.30 12.13
C ALA A 471 21.06 3.99 11.40
N THR A 472 20.51 2.88 11.88
CA THR A 472 20.67 1.60 11.20
C THR A 472 19.58 1.44 10.14
N TYR A 473 19.57 0.27 9.49
CA TYR A 473 18.52 -0.10 8.55
C TYR A 473 17.62 -1.19 9.12
N GLU A 474 17.47 -1.21 10.44
CA GLU A 474 16.58 -2.18 11.10
C GLU A 474 15.19 -1.57 11.12
N ILE A 475 14.45 -1.81 10.03
CA ILE A 475 13.11 -1.23 9.87
C ILE A 475 12.16 -1.70 10.96
N ALA A 476 12.42 -2.87 11.57
CA ALA A 476 11.53 -3.40 12.59
C ALA A 476 11.58 -2.58 13.87
N LYS A 477 12.73 -1.99 14.20
CA LYS A 477 12.85 -1.26 15.46
C LYS A 477 12.11 0.08 15.41
N ARG A 478 12.29 0.83 14.33
CA ARG A 478 11.64 2.13 14.18
C ARG A 478 11.03 2.27 12.79
N ASN A 481 12.05 5.83 11.09
CA ASN A 481 13.13 6.59 11.72
C ASN A 481 13.64 7.67 10.77
N TRP A 482 13.01 7.79 9.61
CA TRP A 482 13.36 8.79 8.61
C TRP A 482 12.32 9.91 8.63
N LEU A 483 12.75 11.10 8.23
CA LEU A 483 11.91 12.30 8.24
C LEU A 483 11.73 12.81 6.81
N LYS A 484 10.48 13.07 6.44
CA LYS A 484 10.14 13.59 5.12
C LYS A 484 9.74 15.07 5.25
N LEU A 485 10.27 15.90 4.37
CA LEU A 485 9.98 17.33 4.41
C LEU A 485 10.00 17.88 2.99
N LYS A 486 8.83 18.28 2.49
CA LYS A 486 8.75 18.98 1.21
C LYS A 486 8.17 20.37 1.41
N LYS A 487 7.14 20.72 0.66
CA LYS A 487 6.57 22.07 0.70
C LYS A 487 5.11 22.10 1.15
N ASP A 488 4.30 21.10 0.76
CA ASP A 488 2.87 21.12 1.09
C ASP A 488 2.58 20.82 2.55
N TYR A 489 3.60 20.65 3.38
CA TYR A 489 3.39 20.34 4.80
C TYR A 489 3.39 21.59 5.67
N LEU A 490 4.34 22.50 5.41
CA LEU A 490 4.40 23.73 6.19
C LEU A 490 3.21 24.63 5.87
N ASP A 491 2.59 25.18 6.90
CA ASP A 491 1.43 26.04 6.72
C ASP A 491 1.83 27.31 5.99
N GLY A 492 1.17 27.58 4.86
CA GLY A 492 1.42 28.77 4.08
C GLY A 492 2.27 28.54 2.84
N VAL A 493 2.93 27.38 2.72
CA VAL A 493 3.80 27.11 1.59
C VAL A 493 3.14 26.26 0.51
N GLY A 494 1.90 25.83 0.73
CA GLY A 494 1.20 24.97 -0.21
C GLY A 494 0.20 25.74 -1.07
N ASP A 495 -0.02 25.22 -2.27
CA ASP A 495 -1.01 25.79 -3.18
C ASP A 495 -2.40 25.55 -2.63
N THR A 496 -3.07 26.62 -2.21
CA THR A 496 -4.40 26.54 -1.63
C THR A 496 -5.43 26.96 -2.68
N LEU A 497 -6.35 26.06 -3.01
CA LEU A 497 -7.37 26.32 -4.00
C LEU A 497 -8.75 26.36 -3.33
N ASP A 498 -9.54 27.35 -3.69
CA ASP A 498 -10.93 27.46 -3.24
C ASP A 498 -11.82 26.92 -4.35
N LEU A 499 -12.36 25.73 -4.14
CA LEU A 499 -13.00 24.96 -5.20
C LEU A 499 -14.49 24.77 -4.91
N VAL A 500 -15.23 24.44 -5.96
CA VAL A 500 -16.68 24.29 -5.90
C VAL A 500 -17.03 22.81 -5.90
N VAL A 501 -17.79 22.37 -4.91
CA VAL A 501 -18.23 20.99 -4.82
C VAL A 501 -19.42 20.80 -5.78
N ILE A 502 -19.20 20.03 -6.85
CA ILE A 502 -20.22 19.79 -7.84
C ILE A 502 -20.70 18.33 -7.84
N GLY A 503 -19.86 17.39 -7.42
CA GLY A 503 -20.23 15.99 -7.42
C GLY A 503 -19.96 15.35 -6.08
N ALA A 504 -20.57 14.18 -5.89
CA ALA A 504 -20.44 13.44 -4.64
C ALA A 504 -20.56 11.95 -4.95
N TYR A 505 -19.77 11.15 -4.23
CA TYR A 505 -19.71 9.71 -4.44
C TYR A 505 -20.03 8.99 -3.14
N LEU A 506 -20.87 7.97 -3.22
CA LEU A 506 -21.21 7.17 -2.05
C LEU A 506 -19.98 6.40 -1.57
N GLY A 507 -19.74 6.42 -0.26
CA GLY A 507 -18.55 5.79 0.28
C GLY A 507 -18.72 4.31 0.53
N ARG A 508 -17.58 3.62 0.54
CA ARG A 508 -17.53 2.19 0.81
C ARG A 508 -16.80 1.94 2.12
N GLY A 509 -17.18 0.87 2.80
CA GLY A 509 -16.50 0.44 4.02
C GLY A 509 -16.65 1.38 5.20
N LYS A 510 -15.53 1.98 5.61
CA LYS A 510 -15.55 2.88 6.76
C LYS A 510 -16.47 4.06 6.54
N ARG A 511 -16.62 4.52 5.30
CA ARG A 511 -17.46 5.67 4.97
C ARG A 511 -18.78 5.25 4.33
N ALA A 512 -19.22 4.02 4.57
CA ALA A 512 -20.50 3.56 4.03
C ALA A 512 -21.66 4.31 4.67
N GLY A 513 -22.62 4.72 3.85
CA GLY A 513 -23.73 5.51 4.31
C GLY A 513 -23.64 6.95 3.82
N ARG A 514 -22.68 7.71 4.33
CA ARG A 514 -22.44 9.06 3.86
C ARG A 514 -21.64 9.01 2.57
N TYR A 515 -21.07 10.14 2.16
CA TYR A 515 -20.25 10.19 0.96
C TYR A 515 -18.79 9.93 1.31
N GLY A 516 -18.11 9.21 0.43
CA GLY A 516 -16.70 8.94 0.62
C GLY A 516 -15.82 9.87 -0.17
N GLY A 517 -16.36 10.40 -1.29
CA GLY A 517 -15.62 11.31 -2.12
C GLY A 517 -16.49 12.47 -2.57
N PHE A 518 -15.84 13.44 -3.23
CA PHE A 518 -16.53 14.60 -3.77
C PHE A 518 -15.82 15.04 -5.05
N LEU A 519 -16.58 15.62 -5.96
CA LEU A 519 -16.05 16.12 -7.22
C LEU A 519 -15.98 17.64 -7.14
N LEU A 520 -14.78 18.19 -7.28
CA LEU A 520 -14.54 19.62 -7.18
C LEU A 520 -14.32 20.22 -8.56
N ALA A 521 -14.57 21.53 -8.66
CA ALA A 521 -14.52 22.22 -9.94
C ALA A 521 -13.96 23.62 -9.78
N SER A 522 -13.18 24.05 -10.77
CA SER A 522 -12.76 25.44 -10.90
C SER A 522 -13.77 26.19 -11.76
N TYR A 523 -13.70 27.51 -11.69
CA TYR A 523 -14.67 28.39 -12.34
C TYR A 523 -14.01 29.09 -13.52
N ASP A 524 -14.10 28.49 -14.70
CA ASP A 524 -13.60 29.11 -15.92
C ASP A 524 -14.43 30.36 -16.20
N GLU A 525 -13.87 31.53 -15.85
CA GLU A 525 -14.58 32.79 -16.06
C GLU A 525 -14.76 33.11 -17.54
N ASP A 526 -13.99 32.47 -18.42
CA ASP A 526 -14.10 32.75 -19.85
C ASP A 526 -15.38 32.16 -20.43
N SER A 527 -15.67 30.91 -20.12
CA SER A 527 -16.84 30.23 -20.65
C SER A 527 -18.05 30.30 -19.72
N GLU A 528 -17.92 30.95 -18.56
CA GLU A 528 -18.99 31.06 -17.59
C GLU A 528 -19.55 29.68 -17.24
N GLU A 529 -18.64 28.73 -17.01
CA GLU A 529 -19.02 27.36 -16.72
C GLU A 529 -18.05 26.76 -15.71
N LEU A 530 -18.55 25.80 -14.94
CA LEU A 530 -17.74 25.08 -13.98
C LEU A 530 -17.08 23.87 -14.63
N GLN A 531 -15.79 23.69 -14.35
CA GLN A 531 -15.00 22.61 -14.93
C GLN A 531 -14.44 21.75 -13.82
N ALA A 532 -14.78 20.45 -13.85
CA ALA A 532 -14.22 19.52 -12.89
C ALA A 532 -12.69 19.52 -12.98
N ILE A 533 -12.04 19.27 -11.85
CA ILE A 533 -10.59 19.37 -11.79
C ILE A 533 -10.00 18.18 -11.06
N CYS A 534 -10.68 17.71 -10.01
CA CYS A 534 -10.17 16.58 -9.25
C CYS A 534 -11.28 16.07 -8.33
N LYS A 535 -11.02 14.92 -7.72
CA LYS A 535 -11.86 14.36 -6.67
C LYS A 535 -11.21 14.59 -5.31
N LEU A 536 -12.02 14.47 -4.26
CA LEU A 536 -11.58 14.74 -2.90
C LEU A 536 -12.18 13.72 -1.95
N GLY A 537 -11.32 12.93 -1.30
CA GLY A 537 -11.79 11.91 -0.39
C GLY A 537 -10.98 11.77 0.88
N THR A 538 -10.19 12.79 1.21
CA THR A 538 -9.37 12.76 2.41
C THR A 538 -9.20 14.17 2.94
N GLY A 539 -8.91 14.27 4.23
CA GLY A 539 -8.65 15.53 4.87
C GLY A 539 -9.77 16.10 5.73
N PHE A 540 -10.84 15.35 5.93
CA PHE A 540 -11.96 15.82 6.73
C PHE A 540 -12.22 14.85 7.89
N SER A 541 -12.63 15.41 9.02
CA SER A 541 -12.98 14.60 10.18
C SER A 541 -14.32 13.92 9.96
N ASP A 542 -14.57 12.89 10.78
CA ASP A 542 -15.84 12.17 10.67
C ASP A 542 -17.02 13.05 11.08
N GLU A 543 -16.79 13.99 12.01
CA GLU A 543 -17.83 14.96 12.33
C GLU A 543 -18.05 15.92 11.16
N GLU A 544 -16.98 16.31 10.47
CA GLU A 544 -17.12 17.17 9.30
C GLU A 544 -17.79 16.43 8.15
N LEU A 545 -17.50 15.13 8.00
CA LEU A 545 -18.19 14.35 6.97
C LEU A 545 -19.67 14.24 7.28
N GLU A 546 -20.02 14.07 8.55
CA GLU A 546 -21.42 14.13 8.94
C GLU A 546 -21.96 15.55 8.87
N GLU A 547 -21.08 16.56 9.01
CA GLU A 547 -21.50 17.94 8.78
C GLU A 547 -21.80 18.17 7.31
N HIS A 548 -20.96 17.65 6.42
CA HIS A 548 -21.32 17.51 5.02
C HIS A 548 -22.35 16.38 4.92
N HIS A 549 -22.60 15.91 3.70
CA HIS A 549 -23.53 14.81 3.45
C HIS A 549 -24.94 15.13 3.93
N GLN A 550 -25.09 15.65 5.15
CA GLN A 550 -26.40 16.06 5.65
C GLN A 550 -26.80 17.43 5.11
N SER A 551 -26.05 18.47 5.47
CA SER A 551 -26.26 19.78 4.86
C SER A 551 -26.06 19.75 3.36
N LEU A 552 -25.28 18.80 2.87
CA LEU A 552 -25.03 18.65 1.45
C LEU A 552 -26.16 17.90 0.74
N LYS A 553 -27.02 17.21 1.49
CA LYS A 553 -28.11 16.45 0.87
C LYS A 553 -29.29 17.35 0.49
N ALA A 554 -29.47 18.48 1.17
CA ALA A 554 -30.54 19.39 0.83
C ALA A 554 -30.33 20.04 -0.54
N LEU A 555 -29.20 19.82 -1.19
CA LEU A 555 -28.88 20.42 -2.48
C LEU A 555 -28.74 19.38 -3.58
N VAL A 556 -29.09 18.12 -3.33
CA VAL A 556 -28.96 17.09 -4.34
C VAL A 556 -29.94 17.35 -5.47
N LEU A 557 -29.53 17.05 -6.69
CA LEU A 557 -30.33 17.29 -7.89
C LEU A 557 -30.25 16.08 -8.81
N PRO A 558 -31.33 15.75 -9.49
CA PRO A 558 -31.31 14.58 -10.39
C PRO A 558 -30.37 14.77 -11.57
N SER A 559 -30.62 15.79 -12.38
CA SER A 559 -29.84 16.10 -13.56
C SER A 559 -28.77 17.13 -13.25
N PRO A 560 -27.63 17.08 -13.93
CA PRO A 560 -26.60 18.10 -13.72
C PRO A 560 -27.02 19.45 -14.29
N ARG A 561 -26.47 20.51 -13.71
CA ARG A 561 -26.72 21.84 -14.22
C ARG A 561 -26.01 22.03 -15.57
N PRO A 562 -26.58 22.85 -16.46
CA PRO A 562 -25.98 22.99 -17.79
C PRO A 562 -24.61 23.64 -17.79
N TYR A 563 -24.29 24.46 -16.79
CA TYR A 563 -23.02 25.16 -16.76
C TYR A 563 -21.91 24.38 -16.05
N VAL A 564 -22.12 23.09 -15.82
CA VAL A 564 -21.05 22.23 -15.29
C VAL A 564 -20.53 21.36 -16.43
N ARG A 565 -19.26 20.96 -16.31
CA ARG A 565 -18.60 20.20 -17.37
C ARG A 565 -17.54 19.32 -16.72
N ILE A 566 -17.69 18.01 -16.86
CA ILE A 566 -16.79 17.06 -16.22
C ILE A 566 -15.89 16.34 -17.21
N ASP A 567 -16.19 16.37 -18.50
CA ASP A 567 -15.41 15.71 -19.57
C ASP A 567 -15.33 14.22 -19.21
N GLY A 568 -14.14 13.61 -19.20
CA GLY A 568 -14.01 12.20 -18.95
C GLY A 568 -13.82 11.85 -17.48
N ALA A 569 -14.51 12.55 -16.60
CA ALA A 569 -14.45 12.26 -15.17
C ALA A 569 -15.59 11.32 -14.78
N VAL A 570 -15.41 10.64 -13.65
CA VAL A 570 -16.41 9.70 -13.16
C VAL A 570 -17.68 10.46 -12.81
N ILE A 571 -18.80 9.99 -13.33
CA ILE A 571 -20.11 10.59 -13.03
C ILE A 571 -20.36 10.43 -11.54
N PRO A 572 -20.57 11.52 -10.81
CA PRO A 572 -20.84 11.39 -9.37
C PRO A 572 -22.17 10.71 -9.12
N ASP A 573 -22.24 9.98 -8.01
CA ASP A 573 -23.49 9.33 -7.62
C ASP A 573 -24.58 10.35 -7.36
N HIS A 574 -24.22 11.53 -6.87
CA HIS A 574 -25.18 12.59 -6.57
C HIS A 574 -24.70 13.89 -7.19
N TRP A 575 -25.48 14.43 -8.12
CA TRP A 575 -25.27 15.79 -8.60
C TRP A 575 -25.81 16.76 -7.57
N LEU A 576 -25.10 17.85 -7.35
CA LEU A 576 -25.48 18.81 -6.32
C LEU A 576 -25.47 20.22 -6.88
N ASP A 577 -26.40 21.03 -6.40
CA ASP A 577 -26.47 22.44 -6.76
C ASP A 577 -25.18 23.13 -6.34
N PRO A 578 -24.41 23.69 -7.28
CA PRO A 578 -23.13 24.31 -6.91
C PRO A 578 -23.31 25.49 -5.96
N SER A 579 -22.89 25.32 -4.71
CA SER A 579 -23.00 26.39 -3.71
C SER A 579 -21.87 26.30 -2.69
N ALA A 580 -21.52 25.07 -2.30
CA ALA A 580 -20.47 24.89 -1.31
C ALA A 580 -19.10 25.15 -1.92
N VAL A 581 -18.31 25.99 -1.25
CA VAL A 581 -16.95 26.30 -1.67
C VAL A 581 -16.01 25.82 -0.57
N TRP A 582 -15.05 24.98 -0.94
CA TRP A 582 -14.15 24.33 0.01
C TRP A 582 -12.72 24.79 -0.23
N GLU A 583 -11.99 24.97 0.87
CA GLU A 583 -10.55 25.19 0.79
C GLU A 583 -9.85 23.85 0.66
N VAL A 584 -9.02 23.72 -0.37
CA VAL A 584 -8.38 22.44 -0.69
C VAL A 584 -6.89 22.67 -0.90
N LYS A 585 -6.08 21.96 -0.14
CA LYS A 585 -4.63 21.97 -0.31
C LYS A 585 -4.22 20.82 -1.21
N CYS A 586 -3.12 21.02 -1.94
CA CYS A 586 -2.62 19.99 -2.85
C CYS A 586 -1.10 20.08 -2.90
N ALA A 587 -0.49 18.97 -3.32
CA ALA A 587 0.96 18.94 -3.49
C ALA A 587 1.34 19.69 -4.76
N ASP A 588 1.17 19.05 -5.91
CA ASP A 588 1.48 19.64 -7.20
C ASP A 588 0.22 19.76 -8.04
N LEU A 589 0.40 20.22 -9.28
CA LEU A 589 -0.67 20.31 -10.27
C LEU A 589 -0.28 19.46 -11.48
N SER A 590 -1.24 18.69 -11.98
CA SER A 590 -0.96 17.66 -12.97
C SER A 590 -1.69 17.96 -14.27
N LEU A 591 -1.10 17.52 -15.37
CA LEU A 591 -1.73 17.59 -16.69
C LEU A 591 -2.69 16.42 -16.83
N SER A 592 -3.99 16.69 -16.77
CA SER A 592 -4.98 15.63 -16.64
C SER A 592 -5.46 15.16 -18.01
N PRO A 593 -5.37 13.86 -18.31
CA PRO A 593 -5.99 13.34 -19.53
C PRO A 593 -7.46 13.02 -19.32
N ILE A 594 -8.04 13.56 -18.24
CA ILE A 594 -9.40 13.21 -17.83
C ILE A 594 -10.17 14.48 -17.49
N TYR A 595 -9.49 15.43 -16.84
CA TYR A 595 -10.26 16.56 -16.33
C TYR A 595 -10.18 17.75 -17.28
N PRO A 596 -11.27 18.51 -17.41
CA PRO A 596 -11.32 19.62 -18.36
C PRO A 596 -10.92 20.99 -17.79
N ALA A 597 -10.52 21.06 -16.53
CA ALA A 597 -10.16 22.33 -15.93
C ALA A 597 -8.98 22.95 -16.65
N ALA A 598 -9.19 24.17 -17.18
CA ALA A 598 -8.16 24.90 -17.92
C ALA A 598 -7.68 24.12 -19.13
N ARG A 599 -8.60 23.39 -19.78
CA ARG A 599 -8.26 22.66 -20.99
C ARG A 599 -7.94 23.64 -22.11
N GLY A 600 -6.75 23.52 -22.69
CA GLY A 600 -6.27 24.43 -23.70
C GLY A 600 -5.40 25.54 -23.17
N LEU A 601 -5.50 25.86 -21.88
CA LEU A 601 -4.72 26.94 -21.31
C LEU A 601 -3.24 26.58 -21.14
N VAL A 602 -2.91 25.29 -21.18
CA VAL A 602 -1.52 24.85 -21.11
C VAL A 602 -1.26 23.90 -22.26
N ASP A 603 -1.89 22.73 -22.23
CA ASP A 603 -1.81 21.76 -23.32
C ASP A 603 -3.05 21.86 -24.18
N SER A 604 -2.89 21.54 -25.47
CA SER A 604 -3.97 21.75 -26.43
C SER A 604 -5.20 20.89 -26.13
N ASP A 605 -5.01 19.74 -25.49
CA ASP A 605 -6.12 18.81 -25.28
C ASP A 605 -6.37 18.46 -23.82
N LYS A 606 -5.35 18.47 -22.97
CA LYS A 606 -5.48 18.02 -21.59
C LYS A 606 -5.71 19.19 -20.65
N GLY A 607 -6.49 18.95 -19.60
CA GLY A 607 -6.72 19.92 -18.55
C GLY A 607 -5.73 19.74 -17.41
N ILE A 608 -6.08 20.33 -16.27
CA ILE A 608 -5.23 20.30 -15.08
C ILE A 608 -5.99 19.64 -13.94
N SER A 609 -5.30 18.79 -13.19
CA SER A 609 -5.83 18.17 -11.99
C SER A 609 -4.90 18.43 -10.82
N LEU A 610 -5.37 18.10 -9.62
CA LEU A 610 -4.62 18.31 -8.38
C LEU A 610 -3.97 17.01 -7.96
N ARG A 611 -2.67 17.08 -7.66
CA ARG A 611 -1.93 15.93 -7.14
C ARG A 611 -1.97 15.96 -5.61
N PHE A 612 -2.33 14.83 -5.01
CA PHE A 612 -2.46 14.69 -3.57
C PHE A 612 -3.34 15.77 -2.94
N PRO A 613 -4.58 15.93 -3.42
CA PRO A 613 -5.46 16.94 -2.82
C PRO A 613 -5.99 16.48 -1.47
N ARG A 614 -6.53 17.44 -0.72
CA ARG A 614 -7.08 17.16 0.59
C ARG A 614 -7.92 18.36 1.05
N PHE A 615 -8.96 18.06 1.81
CA PHE A 615 -9.86 19.08 2.33
C PHE A 615 -9.21 19.82 3.48
N ILE A 616 -9.47 21.13 3.56
CA ILE A 616 -8.91 21.95 4.62
C ILE A 616 -10.04 22.52 5.47
N ARG A 617 -10.88 23.36 4.88
CA ARG A 617 -12.01 23.94 5.57
C ARG A 617 -13.00 24.46 4.55
N VAL A 618 -14.23 24.67 5.00
CA VAL A 618 -15.26 25.26 4.17
C VAL A 618 -15.13 26.78 4.19
N ARG A 619 -15.46 27.41 3.08
CA ARG A 619 -15.44 28.87 2.95
C ARG A 619 -16.89 29.34 2.85
N GLU A 620 -17.44 29.79 3.98
CA GLU A 620 -18.84 30.21 3.99
C GLU A 620 -19.03 31.56 3.32
N ASP A 621 -18.08 32.48 3.52
CA ASP A 621 -18.18 33.80 2.89
C ASP A 621 -18.04 33.71 1.38
N LYS A 622 -17.41 32.66 0.87
CA LYS A 622 -17.17 32.53 -0.58
C LYS A 622 -18.38 31.92 -1.26
N GLN A 623 -18.70 32.44 -2.44
CA GLN A 623 -19.79 31.97 -3.29
C GLN A 623 -19.22 31.25 -4.50
N PRO A 624 -20.03 30.45 -5.20
CA PRO A 624 -19.51 29.73 -6.38
C PRO A 624 -18.85 30.64 -7.40
N GLU A 625 -19.43 31.81 -7.68
CA GLU A 625 -18.81 32.75 -8.60
C GLU A 625 -17.50 33.30 -8.06
N GLN A 626 -17.32 33.31 -6.74
CA GLN A 626 -16.11 33.83 -6.11
C GLN A 626 -15.18 32.70 -5.68
N ALA A 627 -14.87 31.79 -6.60
CA ALA A 627 -13.99 30.66 -6.34
C ALA A 627 -12.79 30.73 -7.28
N THR A 628 -11.86 29.78 -7.09
CA THR A 628 -10.66 29.73 -7.92
C THR A 628 -11.04 29.50 -9.37
N THR A 629 -10.51 30.35 -10.25
CA THR A 629 -10.82 30.27 -11.66
C THR A 629 -9.84 29.35 -12.38
N SER A 630 -10.32 28.75 -13.48
CA SER A 630 -9.44 27.93 -14.31
C SER A 630 -8.34 28.78 -14.93
N ALA A 631 -8.60 30.08 -15.14
CA ALA A 631 -7.58 30.97 -15.68
C ALA A 631 -6.37 31.04 -14.76
N GLN A 632 -6.61 31.28 -13.47
CA GLN A 632 -5.51 31.25 -12.50
C GLN A 632 -4.84 29.88 -12.50
N VAL A 633 -5.64 28.82 -12.34
CA VAL A 633 -5.19 27.43 -12.26
C VAL A 633 -4.09 27.12 -13.27
N ALA A 634 -4.22 27.69 -14.48
CA ALA A 634 -3.17 27.49 -15.49
C ALA A 634 -1.87 28.16 -15.08
N CYS A 635 -1.95 29.35 -14.47
CA CYS A 635 -0.73 30.06 -14.07
C CYS A 635 0.02 29.29 -12.99
N LEU A 636 -0.70 28.62 -12.09
CA LEU A 636 -0.04 27.80 -11.08
C LEU A 636 0.68 26.61 -11.70
N TYR A 637 0.14 26.04 -12.77
CA TYR A 637 0.84 24.96 -13.46
C TYR A 637 2.08 25.47 -14.16
N ARG A 638 2.04 26.70 -14.67
CA ARG A 638 3.22 27.29 -15.32
C ARG A 638 4.25 27.74 -14.29
N LYS A 639 3.81 28.13 -13.10
CA LYS A 639 4.70 28.60 -12.05
C LYS A 639 5.41 27.46 -11.31
N GLN A 640 5.16 26.21 -11.68
CA GLN A 640 5.80 25.07 -11.04
C GLN A 640 7.23 24.92 -11.55
N SER A 641 8.17 24.71 -10.63
CA SER A 641 9.57 24.64 -11.00
C SER A 641 9.87 23.40 -11.85
N GLN A 642 9.19 22.28 -11.57
CA GLN A 642 9.34 21.11 -12.42
C GLN A 642 8.82 21.37 -13.83
N ILE A 643 7.87 22.30 -13.97
CA ILE A 643 7.33 22.65 -15.28
C ILE A 643 8.09 23.83 -15.89
N GLN A 644 8.53 24.78 -15.05
CA GLN A 644 9.27 25.94 -15.52
C GLN A 644 10.75 25.64 -15.80
N ASN A 645 11.11 24.37 -16.01
CA ASN A 645 12.48 23.97 -16.31
C ASN A 645 12.63 23.40 -17.71
N GLN A 646 11.67 23.67 -18.59
CA GLN A 646 11.71 23.14 -19.96
C GLN A 646 11.87 24.27 -20.97
#